data_5OAN
#
_entry.id   5OAN
#
_cell.length_a   89.919
_cell.length_b   100.266
_cell.length_c   165.238
_cell.angle_alpha   90.00
_cell.angle_beta   90.00
_cell.angle_gamma   90.00
#
_symmetry.space_group_name_H-M   'P 2 21 21'
#
loop_
_entity.id
_entity.type
_entity.pdbx_description
1 polymer 'Soluble acetylcholine receptor'
2 non-polymer 'CHLORIDE ION'
3 non-polymer 'ACETATE ION'
4 non-polymer GLYCINE
5 water water
#
_entity_poly.entity_id   1
_entity_poly.type   'polypeptide(L)'
_entity_poly.pdbx_seq_one_letter_code
;MLVSVYLALLVACVGQAHSQANLMRLKSDLFNRSPMYPGPTKDDPLTVTLGFFLQDIVKVDSSTNEVDLVYYERQRWKLN
SLMWDPNEYGNITDFRTSAADIWTPDITAASSTRPVQVLSPQIAVVTHDGSVMFSPAQRLSFMCDPTGVDSEEGVTCAVK
FESWVYSGFEIDLKTDTDQVDLSSYYASSKYEILSATQTRQVQHYKGTGEPYIDVNLVVKFRERRAGNGFFRNLFDENLY
FQGHHHHHH
;
_entity_poly.pdbx_strand_id   A,B,C,D,E
#
# COMPACT_ATOMS: atom_id res chain seq x y z
N GLN A 20 4.05 25.06 -23.78
CA GLN A 20 2.95 24.10 -23.41
C GLN A 20 2.51 23.31 -24.65
N ALA A 21 2.17 24.02 -25.71
CA ALA A 21 1.62 23.40 -26.93
C ALA A 21 2.64 22.52 -27.66
N ASN A 22 3.86 23.03 -27.81
CA ASN A 22 4.92 22.27 -28.45
C ASN A 22 5.29 21.01 -27.65
N LEU A 23 5.35 21.14 -26.33
CA LEU A 23 5.64 20.00 -25.48
C LEU A 23 4.52 18.95 -25.55
N MET A 24 3.26 19.40 -25.57
CA MET A 24 2.11 18.50 -25.74
C MET A 24 2.25 17.68 -27.02
N ARG A 25 2.65 18.34 -28.11
CA ARG A 25 2.92 17.67 -29.40
C ARG A 25 4.04 16.66 -29.29
N LEU A 26 5.13 17.08 -28.66
CA LEU A 26 6.30 16.23 -28.51
C LEU A 26 5.94 14.94 -27.76
N LYS A 27 5.26 15.10 -26.62
CA LYS A 27 4.88 13.94 -25.81
C LYS A 27 3.89 13.06 -26.54
N SER A 28 2.93 13.68 -27.19
CA SER A 28 1.99 12.96 -28.05
C SER A 28 2.71 12.16 -29.14
N ASP A 29 3.67 12.77 -29.82
CA ASP A 29 4.43 12.09 -30.86
C ASP A 29 5.27 10.93 -30.33
N LEU A 30 5.93 11.12 -29.19
CA LEU A 30 6.77 10.07 -28.62
C LEU A 30 6.01 8.91 -27.98
N PHE A 31 4.91 9.22 -27.28
CA PHE A 31 4.23 8.25 -26.40
C PHE A 31 2.92 7.62 -26.92
N ASN A 32 2.12 8.38 -27.66
CA ASN A 32 0.83 7.91 -28.21
C ASN A 32 0.94 7.24 -29.58
N ARG A 33 1.86 7.68 -30.43
CA ARG A 33 2.02 7.09 -31.78
C ARG A 33 2.58 5.66 -31.71
N SER A 34 3.79 5.55 -31.17
CA SER A 34 4.48 4.26 -31.03
C SER A 34 4.16 3.62 -29.67
N PRO A 35 4.26 2.28 -29.57
CA PRO A 35 4.24 1.69 -28.23
C PRO A 35 5.54 1.96 -27.46
N MET A 36 5.54 1.54 -26.21
CA MET A 36 6.66 1.75 -25.28
C MET A 36 7.86 0.85 -25.71
N TYR A 37 9.06 1.29 -25.39
CA TYR A 37 10.27 0.47 -25.57
C TYR A 37 10.07 -0.84 -24.78
N PRO A 38 10.22 -2.00 -25.44
CA PRO A 38 9.90 -3.28 -24.79
C PRO A 38 11.03 -3.85 -23.94
N GLY A 39 12.18 -3.19 -23.91
CA GLY A 39 13.34 -3.68 -23.19
C GLY A 39 14.40 -4.15 -24.17
N PRO A 40 15.64 -4.34 -23.68
CA PRO A 40 16.72 -4.80 -24.57
C PRO A 40 16.63 -6.28 -24.92
N THR A 41 17.35 -6.64 -25.97
CA THR A 41 17.51 -8.04 -26.41
C THR A 41 18.98 -8.30 -26.71
N LYS A 42 19.31 -9.56 -26.98
CA LYS A 42 20.66 -9.94 -27.38
C LYS A 42 21.19 -9.16 -28.59
N ASP A 43 20.33 -8.92 -29.56
CA ASP A 43 20.72 -8.21 -30.80
C ASP A 43 20.72 -6.69 -30.61
N ASP A 44 19.95 -6.17 -29.64
CA ASP A 44 19.92 -4.74 -29.33
C ASP A 44 20.03 -4.49 -27.83
N PRO A 45 21.24 -4.72 -27.27
CA PRO A 45 21.47 -4.55 -25.83
C PRO A 45 21.52 -3.09 -25.42
N LEU A 46 21.46 -2.86 -24.11
CA LEU A 46 21.38 -1.51 -23.56
C LEU A 46 22.35 -1.32 -22.40
N THR A 47 23.00 -0.16 -22.38
CA THR A 47 23.92 0.22 -21.33
C THR A 47 23.24 1.21 -20.39
N VAL A 48 23.26 0.89 -19.09
CA VAL A 48 22.70 1.73 -18.06
C VAL A 48 23.84 2.18 -17.16
N THR A 49 24.00 3.48 -16.99
CA THR A 49 25.02 4.03 -16.11
C THR A 49 24.38 4.36 -14.76
N LEU A 50 25.01 3.92 -13.67
CA LEU A 50 24.54 4.17 -12.30
C LEU A 50 25.55 4.99 -11.52
N GLY A 51 25.03 5.86 -10.66
CA GLY A 51 25.84 6.62 -9.69
C GLY A 51 25.07 6.77 -8.40
N PHE A 52 25.72 6.48 -7.28
CA PHE A 52 25.07 6.54 -5.96
C PHE A 52 25.46 7.81 -5.21
N PHE A 53 24.49 8.38 -4.52
CA PHE A 53 24.64 9.60 -3.74
C PHE A 53 24.12 9.27 -2.35
N LEU A 54 25.04 8.85 -1.49
CA LEU A 54 24.71 8.37 -0.16
C LEU A 54 24.42 9.57 0.75
N GLN A 55 23.26 9.54 1.40
CA GLN A 55 22.80 10.64 2.26
C GLN A 55 22.86 10.33 3.75
N ASP A 56 22.66 9.07 4.15
CA ASP A 56 22.72 8.69 5.56
C ASP A 56 22.71 7.19 5.73
N ILE A 57 23.43 6.73 6.77
CA ILE A 57 23.20 5.41 7.33
C ILE A 57 22.25 5.69 8.51
N VAL A 58 20.99 5.33 8.35
CA VAL A 58 19.96 5.74 9.28
C VAL A 58 19.95 4.78 10.46
N LYS A 59 20.01 3.49 10.18
CA LYS A 59 19.85 2.48 11.20
C LYS A 59 20.76 1.27 11.03
N VAL A 60 21.14 0.70 12.16
CA VAL A 60 21.97 -0.48 12.25
C VAL A 60 21.30 -1.37 13.28
N ASP A 61 21.07 -2.64 12.93
CA ASP A 61 20.40 -3.58 13.84
C ASP A 61 21.28 -4.80 14.00
N SER A 62 21.97 -4.88 15.13
CA SER A 62 22.88 -5.99 15.44
C SER A 62 22.16 -7.28 15.82
N SER A 63 20.89 -7.20 16.17
CA SER A 63 20.12 -8.42 16.46
C SER A 63 19.63 -9.14 15.18
N THR A 64 19.43 -8.40 14.07
CA THR A 64 18.98 -8.99 12.80
C THR A 64 20.00 -8.93 11.64
N ASN A 65 21.14 -8.29 11.88
CA ASN A 65 22.13 -8.00 10.83
C ASN A 65 21.50 -7.34 9.59
N GLU A 66 20.79 -6.24 9.85
CA GLU A 66 20.23 -5.37 8.83
C GLU A 66 20.73 -3.96 9.04
N VAL A 67 21.06 -3.28 7.94
CA VAL A 67 21.41 -1.87 7.97
C VAL A 67 20.55 -1.11 6.95
N ASP A 68 20.18 0.12 7.32
CA ASP A 68 19.31 0.95 6.50
C ASP A 68 20.08 2.16 5.96
N LEU A 69 20.10 2.29 4.63
CA LEU A 69 20.68 3.44 3.94
C LEU A 69 19.60 4.29 3.33
N VAL A 70 19.85 5.61 3.31
CA VAL A 70 19.08 6.53 2.49
C VAL A 70 20.07 7.09 1.47
N TYR A 71 19.70 7.03 0.20
CA TYR A 71 20.52 7.54 -0.88
C TYR A 71 19.64 7.90 -2.06
N TYR A 72 20.21 8.56 -3.07
CA TYR A 72 19.59 8.53 -4.38
C TYR A 72 20.56 7.99 -5.42
N GLU A 73 19.98 7.49 -6.48
CA GLU A 73 20.66 6.64 -7.43
C GLU A 73 20.41 7.26 -8.80
N ARG A 74 21.41 7.90 -9.39
CA ARG A 74 21.28 8.44 -10.75
C ARG A 74 21.41 7.32 -11.77
N GLN A 75 20.43 7.20 -12.65
CA GLN A 75 20.40 6.19 -13.70
C GLN A 75 20.34 6.90 -15.04
N ARG A 76 21.17 6.49 -16.00
CA ARG A 76 21.19 7.07 -17.36
C ARG A 76 21.20 5.97 -18.41
N TRP A 77 20.39 6.14 -19.46
CA TRP A 77 20.41 5.27 -20.62
C TRP A 77 19.95 6.06 -21.85
N LYS A 78 20.00 5.44 -23.01
CA LYS A 78 19.74 6.15 -24.25
C LYS A 78 19.01 5.27 -25.27
N LEU A 79 17.94 5.82 -25.85
CA LEU A 79 17.10 5.11 -26.81
C LEU A 79 16.88 5.96 -28.05
N ASN A 80 17.06 5.37 -29.23
CA ASN A 80 16.77 6.07 -30.49
C ASN A 80 15.30 6.49 -30.57
N SER A 81 14.40 5.63 -30.07
CA SER A 81 12.97 5.93 -30.11
C SER A 81 12.53 7.20 -29.38
N LEU A 82 13.37 7.73 -28.49
CA LEU A 82 13.08 8.97 -27.77
C LEU A 82 13.82 10.19 -28.31
N MET A 83 14.48 10.06 -29.47
CA MET A 83 15.10 11.20 -30.16
C MET A 83 14.05 12.10 -30.79
N TRP A 84 14.36 13.40 -30.84
CA TRP A 84 13.64 14.35 -31.67
C TRP A 84 14.55 15.49 -32.09
N ASP A 85 14.12 16.22 -33.10
CA ASP A 85 14.82 17.41 -33.59
C ASP A 85 14.21 18.61 -32.87
N PRO A 86 14.99 19.31 -32.01
CA PRO A 86 14.44 20.47 -31.30
C PRO A 86 13.80 21.54 -32.20
N ASN A 87 14.32 21.72 -33.41
CA ASN A 87 13.79 22.71 -34.37
C ASN A 87 12.32 22.45 -34.71
N GLU A 88 11.93 21.18 -34.72
CA GLU A 88 10.55 20.78 -35.00
C GLU A 88 9.57 20.94 -33.82
N TYR A 89 10.06 21.33 -32.64
CA TYR A 89 9.24 21.44 -31.42
C TYR A 89 9.59 22.67 -30.60
N GLY A 90 9.68 23.83 -31.27
CA GLY A 90 9.94 25.11 -30.59
C GLY A 90 11.23 25.16 -29.79
N ASN A 91 12.27 24.52 -30.30
CA ASN A 91 13.61 24.48 -29.67
C ASN A 91 13.64 23.82 -28.26
N ILE A 92 12.69 22.92 -27.99
CA ILE A 92 12.69 22.13 -26.74
C ILE A 92 13.82 21.12 -26.80
N THR A 93 14.76 21.21 -25.85
CA THR A 93 15.92 20.31 -25.78
C THR A 93 15.73 19.14 -24.80
N ASP A 94 14.84 19.31 -23.84
CA ASP A 94 14.56 18.28 -22.84
C ASP A 94 13.22 18.53 -22.14
N PHE A 95 12.67 17.49 -21.51
CA PHE A 95 11.44 17.61 -20.76
C PHE A 95 11.36 16.61 -19.62
N ARG A 96 10.40 16.84 -18.74
CA ARG A 96 10.13 15.98 -17.60
C ARG A 96 8.85 15.22 -17.83
N THR A 97 8.84 13.95 -17.45
CA THR A 97 7.64 13.18 -17.59
C THR A 97 7.62 12.02 -16.61
N SER A 98 6.42 11.65 -16.21
CA SER A 98 6.18 10.52 -15.34
C SER A 98 6.92 9.27 -15.85
N ALA A 99 7.53 8.54 -14.92
CA ALA A 99 8.23 7.29 -15.24
C ALA A 99 7.33 6.20 -15.79
N ALA A 100 6.02 6.32 -15.54
CA ALA A 100 5.04 5.43 -16.15
C ALA A 100 4.93 5.56 -17.68
N ASP A 101 5.29 6.73 -18.21
CA ASP A 101 5.28 6.97 -19.66
C ASP A 101 6.41 6.24 -20.42
N ILE A 102 7.42 5.75 -19.70
CA ILE A 102 8.59 5.13 -20.33
C ILE A 102 9.02 3.82 -19.67
N TRP A 103 9.80 3.06 -20.40
CA TRP A 103 10.53 1.94 -19.84
C TRP A 103 11.60 2.46 -18.86
N THR A 104 11.79 1.75 -17.77
CA THR A 104 12.86 2.02 -16.82
C THR A 104 13.51 0.68 -16.47
N PRO A 105 14.82 0.68 -16.20
CA PRO A 105 15.50 -0.56 -15.90
C PRO A 105 15.11 -1.10 -14.52
N ASP A 106 15.16 -2.41 -14.41
CA ASP A 106 14.81 -3.14 -13.23
C ASP A 106 16.01 -3.32 -12.28
N ILE A 107 16.61 -2.23 -11.85
CA ILE A 107 17.80 -2.28 -11.00
C ILE A 107 17.39 -2.64 -9.58
N THR A 108 17.99 -3.71 -9.05
CA THR A 108 17.56 -4.33 -7.80
C THR A 108 18.76 -4.49 -6.88
N ALA A 109 18.56 -4.15 -5.59
CA ALA A 109 19.52 -4.48 -4.57
C ALA A 109 19.38 -5.97 -4.26
N ALA A 110 20.44 -6.74 -4.51
CA ALA A 110 20.36 -8.21 -4.46
C ALA A 110 20.29 -8.83 -3.05
N SER A 111 20.68 -8.06 -2.04
CA SER A 111 20.63 -8.50 -0.64
C SER A 111 19.72 -7.62 0.25
N SER A 112 18.68 -7.05 -0.35
CA SER A 112 17.66 -6.30 0.41
C SER A 112 16.88 -7.26 1.32
N THR A 113 16.37 -6.73 2.42
CA THR A 113 15.54 -7.51 3.34
C THR A 113 14.11 -6.99 3.50
N ARG A 114 13.80 -5.84 2.90
CA ARG A 114 12.45 -5.27 2.88
C ARG A 114 12.30 -4.66 1.50
N PRO A 115 11.06 -4.46 1.04
CA PRO A 115 10.91 -3.69 -0.20
C PRO A 115 11.51 -2.29 -0.04
N VAL A 116 12.19 -1.84 -1.07
CA VAL A 116 12.75 -0.51 -1.12
C VAL A 116 11.61 0.51 -1.01
N GLN A 117 11.83 1.52 -0.18
CA GLN A 117 10.86 2.60 -0.02
C GLN A 117 11.29 3.80 -0.87
N VAL A 118 10.35 4.36 -1.61
CA VAL A 118 10.61 5.40 -2.57
C VAL A 118 10.42 6.75 -1.90
N LEU A 119 11.44 7.61 -1.99
CA LEU A 119 11.45 8.92 -1.30
C LEU A 119 11.33 10.12 -2.23
N SER A 120 11.27 9.87 -3.54
CA SER A 120 11.22 10.94 -4.53
C SER A 120 10.14 10.65 -5.57
N PRO A 121 9.66 11.69 -6.28
CA PRO A 121 8.63 11.50 -7.29
C PRO A 121 9.14 10.65 -8.45
N GLN A 122 8.29 9.79 -8.97
CA GLN A 122 8.66 8.90 -10.05
C GLN A 122 8.57 9.67 -11.36
N ILE A 123 9.55 10.53 -11.59
CA ILE A 123 9.61 11.41 -12.75
C ILE A 123 11.01 11.36 -13.32
N ALA A 124 11.12 11.29 -14.64
CA ALA A 124 12.39 11.25 -15.35
C ALA A 124 12.57 12.47 -16.27
N VAL A 125 13.80 12.65 -16.73
CA VAL A 125 14.16 13.73 -17.63
C VAL A 125 14.58 13.09 -18.94
N VAL A 126 13.97 13.53 -20.04
CA VAL A 126 14.28 13.03 -21.37
C VAL A 126 14.88 14.17 -22.20
N THR A 127 15.94 13.85 -22.94
CA THR A 127 16.72 14.85 -23.68
C THR A 127 16.63 14.51 -25.15
N HIS A 128 16.78 15.51 -26.01
CA HIS A 128 16.51 15.41 -27.46
C HIS A 128 17.28 14.33 -28.20
N ASP A 129 18.44 13.95 -27.67
CA ASP A 129 19.22 12.83 -28.22
C ASP A 129 18.73 11.43 -27.80
N GLY A 130 17.68 11.38 -26.97
CA GLY A 130 17.12 10.13 -26.49
C GLY A 130 17.70 9.65 -25.17
N SER A 131 18.43 10.53 -24.47
CA SER A 131 18.97 10.21 -23.15
C SER A 131 17.88 10.32 -22.11
N VAL A 132 17.83 9.35 -21.21
CA VAL A 132 16.91 9.40 -20.09
C VAL A 132 17.73 9.44 -18.80
N MET A 133 17.37 10.35 -17.91
CA MET A 133 17.97 10.44 -16.58
C MET A 133 16.86 10.28 -15.55
N PHE A 134 17.02 9.31 -14.65
CA PHE A 134 16.03 8.99 -13.64
C PHE A 134 16.80 8.82 -12.34
N SER A 135 16.40 9.57 -11.31
CA SER A 135 17.19 9.69 -10.08
C SER A 135 16.39 9.36 -8.81
N PRO A 136 15.96 8.10 -8.65
CA PRO A 136 15.13 7.75 -7.51
C PRO A 136 15.86 7.82 -6.17
N ALA A 137 15.26 8.50 -5.22
CA ALA A 137 15.72 8.48 -3.84
C ALA A 137 15.08 7.27 -3.15
N GLN A 138 15.86 6.56 -2.36
CA GLN A 138 15.43 5.29 -1.79
C GLN A 138 15.84 5.16 -0.36
N ARG A 139 15.03 4.45 0.43
CA ARG A 139 15.51 3.87 1.69
C ARG A 139 15.56 2.38 1.56
N LEU A 140 16.71 1.82 1.88
CA LEU A 140 17.00 0.40 1.66
C LEU A 140 17.42 -0.26 2.96
N SER A 141 16.77 -1.38 3.30
CA SER A 141 17.27 -2.30 4.33
C SER A 141 18.00 -3.45 3.63
N PHE A 142 19.22 -3.74 4.07
CA PHE A 142 20.00 -4.81 3.45
C PHE A 142 20.85 -5.58 4.49
N MET A 143 21.33 -6.75 4.05
CA MET A 143 22.09 -7.68 4.89
C MET A 143 23.48 -7.13 5.21
N CYS A 144 23.72 -6.86 6.50
CA CYS A 144 24.98 -6.30 6.96
C CYS A 144 25.16 -6.60 8.44
N ASP A 145 26.22 -7.33 8.77
CA ASP A 145 26.64 -7.55 10.17
C ASP A 145 27.42 -6.31 10.60
N PRO A 146 26.85 -5.51 11.53
CA PRO A 146 27.50 -4.30 11.98
C PRO A 146 28.47 -4.48 13.16
N THR A 147 28.83 -5.71 13.49
CA THR A 147 29.75 -5.96 14.61
C THR A 147 31.09 -5.29 14.32
N GLY A 148 31.54 -4.46 15.25
CA GLY A 148 32.74 -3.65 15.09
C GLY A 148 32.49 -2.20 14.66
N VAL A 149 31.24 -1.81 14.47
CA VAL A 149 30.89 -0.44 14.07
C VAL A 149 31.31 0.58 15.12
N ASP A 150 31.36 0.16 16.38
CA ASP A 150 31.74 1.02 17.51
C ASP A 150 33.24 0.95 17.82
N SER A 151 34.07 0.80 16.80
CA SER A 151 35.53 0.76 16.92
C SER A 151 36.16 1.75 15.93
N GLU A 152 37.48 1.89 15.99
CA GLU A 152 38.23 2.80 15.09
C GLU A 152 38.20 2.33 13.64
N GLU A 153 38.36 1.03 13.47
CA GLU A 153 38.47 0.39 12.17
C GLU A 153 37.09 0.34 11.50
N GLY A 154 36.06 0.31 12.32
CA GLY A 154 34.69 0.30 11.85
C GLY A 154 34.32 -1.04 11.24
N VAL A 155 33.34 -1.00 10.34
CA VAL A 155 32.82 -2.19 9.72
C VAL A 155 32.60 -1.94 8.23
N THR A 156 32.69 -3.00 7.43
CA THR A 156 32.45 -2.92 6.01
C THR A 156 31.22 -3.72 5.64
N CYS A 157 30.39 -3.13 4.78
CA CYS A 157 29.23 -3.81 4.22
C CYS A 157 29.07 -3.51 2.74
N ALA A 158 28.44 -4.44 2.05
CA ALA A 158 28.35 -4.44 0.60
C ALA A 158 26.96 -4.83 0.17
N VAL A 159 26.53 -4.23 -0.95
CA VAL A 159 25.28 -4.62 -1.59
C VAL A 159 25.45 -4.47 -3.10
N LYS A 160 25.09 -5.53 -3.82
CA LYS A 160 25.17 -5.55 -5.28
C LYS A 160 23.87 -5.01 -5.87
N PHE A 161 24.00 -4.13 -6.86
CA PHE A 161 22.86 -3.65 -7.61
C PHE A 161 22.96 -4.25 -9.01
N GLU A 162 21.87 -4.84 -9.48
CA GLU A 162 21.85 -5.60 -10.74
C GLU A 162 20.45 -5.61 -11.32
N SER A 163 20.35 -5.88 -12.62
CA SER A 163 19.08 -6.25 -13.20
C SER A 163 18.71 -7.62 -12.70
N TRP A 164 17.49 -7.75 -12.22
CA TRP A 164 17.02 -9.03 -11.70
C TRP A 164 16.79 -10.07 -12.82
N VAL A 165 16.37 -9.60 -13.99
CA VAL A 165 15.92 -10.52 -15.06
C VAL A 165 16.76 -10.56 -16.33
N TYR A 166 17.59 -9.54 -16.56
CA TYR A 166 18.39 -9.47 -17.77
C TYR A 166 19.80 -9.91 -17.50
N SER A 167 20.35 -10.73 -18.40
CA SER A 167 21.78 -11.11 -18.40
C SER A 167 22.65 -9.97 -18.93
N GLY A 168 23.96 -10.21 -18.95
CA GLY A 168 24.95 -9.29 -19.52
C GLY A 168 24.90 -9.19 -21.03
N PHE A 169 24.26 -10.17 -21.68
CA PHE A 169 23.98 -10.09 -23.11
C PHE A 169 22.92 -9.05 -23.46
N GLU A 170 22.04 -8.71 -22.52
CA GLU A 170 20.96 -7.74 -22.75
C GLU A 170 21.23 -6.39 -22.07
N ILE A 171 21.70 -6.42 -20.83
CA ILE A 171 21.98 -5.20 -20.06
C ILE A 171 23.42 -5.17 -19.56
N ASP A 172 24.08 -4.05 -19.79
CA ASP A 172 25.37 -3.76 -19.18
C ASP A 172 25.17 -2.57 -18.23
N LEU A 173 25.85 -2.61 -17.10
CA LEU A 173 25.84 -1.54 -16.13
C LEU A 173 27.22 -0.98 -16.05
N LYS A 174 27.34 0.34 -15.95
CA LYS A 174 28.63 0.96 -15.68
C LYS A 174 28.48 2.15 -14.77
N THR A 175 29.61 2.69 -14.34
CA THR A 175 29.68 3.89 -13.54
C THR A 175 30.57 4.91 -14.25
N ASP A 176 30.37 6.18 -13.91
CA ASP A 176 31.26 7.28 -14.35
C ASP A 176 32.49 7.43 -13.47
N THR A 177 32.35 6.97 -12.23
CA THR A 177 33.43 6.99 -11.25
C THR A 177 33.18 5.86 -10.28
N ASP A 178 34.24 5.33 -9.67
CA ASP A 178 34.09 4.28 -8.67
CA ASP A 178 34.09 4.29 -8.67
C ASP A 178 33.92 4.86 -7.25
N GLN A 179 33.83 6.19 -7.13
CA GLN A 179 33.63 6.86 -5.85
C GLN A 179 32.18 7.28 -5.68
N VAL A 180 31.57 6.79 -4.61
CA VAL A 180 30.23 7.17 -4.22
C VAL A 180 30.27 8.63 -3.81
N ASP A 181 29.28 9.40 -4.24
CA ASP A 181 29.24 10.82 -3.94
C ASP A 181 28.69 11.03 -2.52
N LEU A 182 29.47 11.72 -1.68
CA LEU A 182 29.12 11.96 -0.27
C LEU A 182 28.85 13.43 0.02
N SER A 183 28.58 14.21 -1.01
CA SER A 183 28.39 15.65 -0.86
C SER A 183 27.04 16.01 -0.22
N SER A 184 26.05 15.13 -0.30
CA SER A 184 24.79 15.24 0.46
C SER A 184 24.74 14.36 1.71
N TYR A 185 25.87 13.79 2.13
CA TYR A 185 25.88 12.92 3.30
C TYR A 185 25.61 13.76 4.54
N TYR A 186 24.68 13.32 5.38
CA TYR A 186 24.28 14.08 6.55
C TYR A 186 25.49 14.30 7.50
N ALA A 187 25.83 15.57 7.71
CA ALA A 187 26.96 15.98 8.56
C ALA A 187 26.88 15.49 10.01
N SER A 188 25.66 15.37 10.54
CA SER A 188 25.44 14.91 11.91
C SER A 188 24.86 13.49 12.01
N SER A 189 25.11 12.66 10.99
CA SER A 189 24.75 11.24 11.08
C SER A 189 25.37 10.58 12.31
N LYS A 190 24.73 9.53 12.81
CA LYS A 190 25.34 8.70 13.86
C LYS A 190 26.61 8.00 13.34
N TYR A 191 26.69 7.84 12.03
CA TYR A 191 27.75 7.06 11.40
C TYR A 191 28.57 7.90 10.44
N GLU A 192 29.89 7.75 10.57
CA GLU A 192 30.88 8.46 9.79
C GLU A 192 31.34 7.50 8.68
N ILE A 193 31.43 8.01 7.46
CA ILE A 193 31.87 7.20 6.33
C ILE A 193 33.39 7.27 6.18
N LEU A 194 34.02 6.11 6.22
CA LEU A 194 35.47 5.99 6.05
C LEU A 194 35.82 5.75 4.59
N SER A 195 34.95 5.06 3.87
CA SER A 195 35.16 4.78 2.47
C SER A 195 33.83 4.35 1.84
N ALA A 196 33.61 4.74 0.59
CA ALA A 196 32.37 4.37 -0.11
C ALA A 196 32.61 4.26 -1.61
N THR A 197 32.52 3.05 -2.14
CA THR A 197 32.83 2.78 -3.54
C THR A 197 31.69 2.10 -4.28
N GLN A 198 31.68 2.27 -5.61
CA GLN A 198 30.69 1.68 -6.50
C GLN A 198 31.44 1.09 -7.68
N THR A 199 31.51 -0.22 -7.74
CA THR A 199 32.43 -0.91 -8.64
C THR A 199 31.69 -1.89 -9.52
N ARG A 200 31.83 -1.73 -10.84
CA ARG A 200 31.29 -2.68 -11.80
C ARG A 200 32.00 -4.02 -11.65
N GLN A 201 31.21 -5.11 -11.68
CA GLN A 201 31.74 -6.46 -11.58
C GLN A 201 31.03 -7.32 -12.60
N VAL A 202 31.78 -8.29 -13.14
CA VAL A 202 31.23 -9.31 -14.01
C VAL A 202 31.06 -10.55 -13.17
N GLN A 203 29.93 -11.23 -13.39
CA GLN A 203 29.46 -12.28 -12.52
C GLN A 203 28.90 -13.36 -13.46
N HIS A 204 28.67 -14.56 -12.93
CA HIS A 204 28.06 -15.65 -13.71
C HIS A 204 27.00 -16.36 -12.85
N TYR A 205 25.82 -16.62 -13.45
CA TYR A 205 24.77 -17.27 -12.69
C TYR A 205 25.22 -18.66 -12.27
N LYS A 206 25.11 -18.93 -10.98
CA LYS A 206 25.47 -20.23 -10.39
C LYS A 206 26.84 -20.83 -10.77
N GLY A 207 26.86 -22.04 -11.30
CA GLY A 207 28.09 -22.79 -11.65
C GLY A 207 28.54 -22.42 -13.02
N THR A 208 28.98 -21.18 -13.18
CA THR A 208 29.32 -20.55 -14.47
C THR A 208 28.24 -20.80 -15.57
N GLY A 209 27.14 -20.10 -15.37
CA GLY A 209 26.06 -19.93 -16.35
C GLY A 209 26.38 -18.64 -17.08
N GLU A 210 25.50 -18.19 -17.93
CA GLU A 210 25.72 -16.96 -18.73
C GLU A 210 26.02 -15.73 -17.83
N PRO A 211 26.79 -14.75 -18.35
CA PRO A 211 27.27 -13.65 -17.51
C PRO A 211 26.20 -12.62 -17.15
N TYR A 212 26.41 -11.90 -16.05
CA TYR A 212 25.59 -10.74 -15.68
C TYR A 212 26.42 -9.70 -14.93
N ILE A 213 26.02 -8.45 -15.05
CA ILE A 213 26.76 -7.33 -14.48
C ILE A 213 26.05 -6.86 -13.21
N ASP A 214 26.85 -6.46 -12.23
CA ASP A 214 26.37 -5.74 -11.06
C ASP A 214 27.27 -4.55 -10.76
N VAL A 215 26.76 -3.61 -9.99
CA VAL A 215 27.55 -2.54 -9.41
C VAL A 215 27.53 -2.77 -7.91
N ASN A 216 28.72 -3.02 -7.35
CA ASN A 216 28.88 -3.36 -5.96
C ASN A 216 29.12 -2.10 -5.16
N LEU A 217 28.17 -1.78 -4.29
CA LEU A 217 28.25 -0.65 -3.39
C LEU A 217 28.88 -1.19 -2.12
N VAL A 218 30.08 -0.69 -1.79
CA VAL A 218 30.84 -1.10 -0.61
C VAL A 218 31.01 0.13 0.24
N VAL A 219 30.52 0.08 1.47
CA VAL A 219 30.57 1.21 2.39
C VAL A 219 31.25 0.77 3.68
N LYS A 220 32.26 1.52 4.09
CA LYS A 220 33.00 1.27 5.31
C LYS A 220 32.70 2.44 6.24
N PHE A 221 32.22 2.13 7.44
CA PHE A 221 31.72 3.16 8.34
C PHE A 221 31.91 2.76 9.80
N ARG A 222 31.70 3.73 10.68
CA ARG A 222 31.80 3.52 12.13
C ARG A 222 30.98 4.58 12.86
N GLU A 223 30.70 4.34 14.14
CA GLU A 223 30.05 5.34 14.98
C GLU A 223 30.92 6.59 15.11
N ARG A 224 30.28 7.76 15.06
CA ARG A 224 31.00 9.04 14.99
C ARG A 224 31.83 9.28 16.26
N ARG A 225 32.57 12.11 17.76
CA ARG A 225 33.70 11.58 18.52
C ARG A 225 34.34 12.67 19.39
N GLN B 20 14.06 -4.51 -31.40
CA GLN B 20 12.96 -3.63 -30.83
C GLN B 20 11.67 -3.83 -31.61
N ALA B 21 11.75 -3.67 -32.93
CA ALA B 21 10.57 -3.79 -33.80
C ALA B 21 10.00 -5.22 -33.84
N ASN B 22 10.90 -6.21 -33.98
CA ASN B 22 10.48 -7.61 -33.99
C ASN B 22 9.86 -8.04 -32.65
N LEU B 23 10.46 -7.60 -31.55
CA LEU B 23 9.93 -7.89 -30.24
C LEU B 23 8.55 -7.25 -30.03
N MET B 24 8.39 -6.00 -30.48
CA MET B 24 7.09 -5.32 -30.42
C MET B 24 6.01 -6.13 -31.14
N ARG B 25 6.35 -6.66 -32.31
CA ARG B 25 5.45 -7.54 -33.07
C ARG B 25 5.11 -8.82 -32.31
N LEU B 26 6.16 -9.43 -31.75
CA LEU B 26 5.98 -10.67 -31.02
C LEU B 26 5.03 -10.48 -29.84
N LYS B 27 5.26 -9.44 -29.04
CA LYS B 27 4.43 -9.17 -27.88
C LYS B 27 3.00 -8.82 -28.29
N SER B 28 2.89 -8.01 -29.33
CA SER B 28 1.60 -7.70 -29.91
C SER B 28 0.83 -8.96 -30.36
N ASP B 29 1.53 -9.85 -31.06
CA ASP B 29 0.91 -11.09 -31.51
C ASP B 29 0.49 -12.01 -30.36
N LEU B 30 1.32 -12.14 -29.33
CA LEU B 30 1.00 -13.01 -28.20
C LEU B 30 -0.07 -12.47 -27.26
N PHE B 31 -0.03 -11.17 -26.99
CA PHE B 31 -0.81 -10.55 -25.89
C PHE B 31 -2.07 -9.74 -26.28
N ASN B 32 -2.04 -9.06 -27.43
CA ASN B 32 -3.15 -8.22 -27.89
C ASN B 32 -4.17 -8.95 -28.74
N ARG B 33 -3.75 -9.97 -29.53
CA ARG B 33 -4.68 -10.82 -30.29
C ARG B 33 -5.54 -11.69 -29.37
N SER B 34 -4.89 -12.57 -28.59
CA SER B 34 -5.60 -13.56 -27.78
C SER B 34 -5.81 -13.02 -26.36
N PRO B 35 -6.88 -13.48 -25.66
CA PRO B 35 -6.92 -13.21 -24.21
C PRO B 35 -5.88 -14.02 -23.43
N MET B 36 -5.82 -13.74 -22.14
CA MET B 36 -4.85 -14.35 -21.23
C MET B 36 -5.19 -15.84 -21.00
N TYR B 37 -4.19 -16.66 -20.71
CA TYR B 37 -4.42 -18.04 -20.26
C TYR B 37 -5.29 -17.99 -18.99
N PRO B 38 -6.42 -18.71 -18.99
CA PRO B 38 -7.37 -18.59 -17.89
C PRO B 38 -7.07 -19.46 -16.67
N GLY B 39 -6.00 -20.25 -16.74
CA GLY B 39 -5.62 -21.16 -15.66
C GLY B 39 -5.92 -22.60 -16.09
N PRO B 40 -5.36 -23.57 -15.35
CA PRO B 40 -5.60 -24.97 -15.68
C PRO B 40 -7.00 -25.47 -15.30
N THR B 41 -7.37 -26.60 -15.91
CA THR B 41 -8.61 -27.34 -15.61
C THR B 41 -8.29 -28.82 -15.49
N LYS B 42 -9.28 -29.61 -15.09
CA LYS B 42 -9.14 -31.07 -15.02
C LYS B 42 -8.70 -31.68 -16.36
N ASP B 43 -9.25 -31.19 -17.45
CA ASP B 43 -8.93 -31.72 -18.79
C ASP B 43 -7.61 -31.17 -19.35
N ASP B 44 -7.19 -30.00 -18.88
CA ASP B 44 -5.91 -29.40 -19.29
C ASP B 44 -5.10 -28.90 -18.09
N PRO B 45 -4.55 -29.85 -17.30
CA PRO B 45 -3.80 -29.53 -16.10
C PRO B 45 -2.43 -28.97 -16.40
N LEU B 46 -1.79 -28.41 -15.37
CA LEU B 46 -0.50 -27.74 -15.52
C LEU B 46 0.50 -28.16 -14.44
N THR B 47 1.74 -28.36 -14.84
CA THR B 47 2.82 -28.68 -13.93
C THR B 47 3.68 -27.42 -13.71
N VAL B 48 3.89 -27.07 -12.45
CA VAL B 48 4.71 -25.94 -12.07
C VAL B 48 5.90 -26.47 -11.28
N THR B 49 7.11 -26.16 -11.73
CA THR B 49 8.31 -26.57 -11.04
C THR B 49 8.81 -25.42 -10.16
N LEU B 50 9.11 -25.71 -8.89
CA LEU B 50 9.60 -24.72 -7.93
C LEU B 50 10.99 -25.08 -7.44
N GLY B 51 11.82 -24.07 -7.21
CA GLY B 51 13.11 -24.19 -6.56
C GLY B 51 13.35 -23.00 -5.65
N PHE B 52 13.80 -23.25 -4.42
CA PHE B 52 14.04 -22.18 -3.45
C PHE B 52 15.52 -21.86 -3.32
N PHE B 53 15.82 -20.57 -3.19
CA PHE B 53 17.16 -20.06 -3.07
C PHE B 53 17.16 -19.19 -1.81
N LEU B 54 17.52 -19.81 -0.70
CA LEU B 54 17.45 -19.16 0.60
C LEU B 54 18.64 -18.21 0.78
N GLN B 55 18.33 -16.96 1.11
CA GLN B 55 19.34 -15.91 1.24
C GLN B 55 19.63 -15.48 2.68
N ASP B 56 18.64 -15.55 3.57
CA ASP B 56 18.84 -15.18 4.97
C ASP B 56 17.67 -15.58 5.84
N ILE B 57 17.97 -15.95 7.08
CA ILE B 57 16.99 -15.95 8.16
C ILE B 57 17.23 -14.61 8.85
N VAL B 58 16.34 -13.66 8.64
CA VAL B 58 16.55 -12.30 9.09
C VAL B 58 16.19 -12.18 10.56
N LYS B 59 15.06 -12.77 10.93
CA LYS B 59 14.53 -12.57 12.27
C LYS B 59 13.84 -13.80 12.86
N VAL B 60 13.91 -13.88 14.18
CA VAL B 60 13.32 -14.93 14.97
C VAL B 60 12.64 -14.23 16.14
N ASP B 61 11.38 -14.54 16.41
CA ASP B 61 10.62 -13.93 17.50
C ASP B 61 10.06 -15.03 18.38
N SER B 62 10.71 -15.25 19.52
CA SER B 62 10.31 -16.30 20.47
C SER B 62 9.05 -15.96 21.27
N SER B 63 8.67 -14.69 21.31
CA SER B 63 7.42 -14.32 21.98
C SER B 63 6.16 -14.58 21.12
N THR B 64 6.30 -14.56 19.79
CA THR B 64 5.16 -14.82 18.87
C THR B 64 5.26 -16.09 18.03
N ASN B 65 6.39 -16.80 18.14
CA ASN B 65 6.70 -17.96 17.30
C ASN B 65 6.54 -17.65 15.80
N GLU B 66 7.23 -16.59 15.39
CA GLU B 66 7.35 -16.17 13.99
C GLU B 66 8.82 -16.11 13.60
N VAL B 67 9.13 -16.59 12.40
CA VAL B 67 10.47 -16.45 11.82
C VAL B 67 10.37 -15.83 10.42
N ASP B 68 11.35 -15.00 10.08
CA ASP B 68 11.35 -14.27 8.82
C ASP B 68 12.49 -14.73 7.92
N LEU B 69 12.13 -15.19 6.72
CA LEU B 69 13.07 -15.62 5.68
C LEU B 69 13.10 -14.64 4.53
N VAL B 70 14.27 -14.48 3.93
CA VAL B 70 14.42 -13.83 2.64
C VAL B 70 14.95 -14.89 1.70
N TYR B 71 14.29 -15.05 0.56
CA TYR B 71 14.69 -16.02 -0.45
C TYR B 71 14.19 -15.56 -1.80
N TYR B 72 14.62 -16.23 -2.86
CA TYR B 72 13.87 -16.18 -4.10
C TYR B 72 13.47 -17.57 -4.54
N GLU B 73 12.42 -17.60 -5.34
CA GLU B 73 11.70 -18.80 -5.64
C GLU B 73 11.62 -18.89 -7.16
N ARG B 74 12.37 -19.81 -7.77
CA ARG B 74 12.29 -20.03 -9.22
C ARG B 74 11.05 -20.84 -9.55
N GLN B 75 10.22 -20.32 -10.45
CA GLN B 75 8.98 -20.98 -10.88
C GLN B 75 9.06 -21.20 -12.39
N ARG B 76 8.72 -22.39 -12.86
CA ARG B 76 8.71 -22.72 -14.31
C ARG B 76 7.43 -23.45 -14.69
N TRP B 77 6.84 -23.06 -15.81
CA TRP B 77 5.71 -23.77 -16.40
C TRP B 77 5.72 -23.54 -17.93
N LYS B 78 4.80 -24.18 -18.65
CA LYS B 78 4.84 -24.16 -20.09
C LYS B 78 3.43 -24.15 -20.70
N LEU B 79 3.20 -23.25 -21.66
CA LEU B 79 1.89 -23.08 -22.30
C LEU B 79 2.05 -23.04 -23.81
N ASN B 80 1.23 -23.82 -24.54
CA ASN B 80 1.26 -23.80 -26.00
C ASN B 80 0.95 -22.43 -26.56
N SER B 81 0.02 -21.71 -25.92
CA SER B 81 -0.38 -20.37 -26.37
C SER B 81 0.76 -19.33 -26.43
N LEU B 82 1.87 -19.58 -25.74
CA LEU B 82 3.03 -18.67 -25.76
C LEU B 82 4.17 -19.17 -26.66
N MET B 83 3.93 -20.19 -27.47
CA MET B 83 4.89 -20.62 -28.50
C MET B 83 4.97 -19.63 -29.67
N TRP B 84 6.15 -19.53 -30.25
CA TRP B 84 6.35 -18.88 -31.54
C TRP B 84 7.53 -19.49 -32.26
N ASP B 85 7.59 -19.22 -33.57
CA ASP B 85 8.72 -19.65 -34.40
C ASP B 85 9.73 -18.50 -34.44
N PRO B 86 10.93 -18.71 -33.88
CA PRO B 86 11.93 -17.63 -33.90
C PRO B 86 12.24 -17.03 -35.28
N ASN B 87 12.17 -17.87 -36.33
CA ASN B 87 12.46 -17.44 -37.71
CA ASN B 87 12.46 -17.43 -37.70
C ASN B 87 11.51 -16.31 -38.16
N GLU B 88 10.28 -16.34 -37.65
CA GLU B 88 9.27 -15.32 -37.97
C GLU B 88 9.41 -14.01 -37.19
N TYR B 89 10.36 -13.91 -36.26
CA TYR B 89 10.54 -12.72 -35.42
C TYR B 89 12.01 -12.39 -35.21
N GLY B 90 12.77 -12.36 -36.29
CA GLY B 90 14.19 -11.97 -36.26
C GLY B 90 15.07 -12.82 -35.34
N ASN B 91 14.78 -14.12 -35.30
CA ASN B 91 15.52 -15.09 -34.48
C ASN B 91 15.49 -14.84 -32.94
N ILE B 92 14.42 -14.17 -32.47
CA ILE B 92 14.19 -13.98 -31.04
C ILE B 92 13.79 -15.32 -30.42
N THR B 93 14.60 -15.79 -29.48
CA THR B 93 14.36 -17.07 -28.78
C THR B 93 13.66 -16.90 -27.43
N ASP B 94 13.78 -15.72 -26.82
CA ASP B 94 13.16 -15.43 -25.55
C ASP B 94 13.06 -13.91 -25.30
N PHE B 95 12.18 -13.53 -24.39
CA PHE B 95 12.04 -12.12 -24.03
C PHE B 95 11.57 -11.96 -22.60
N ARG B 96 11.68 -10.71 -22.12
CA ARG B 96 11.27 -10.32 -20.79
C ARG B 96 10.01 -9.49 -20.89
N THR B 97 9.09 -9.72 -19.97
CA THR B 97 7.88 -8.95 -19.95
C THR B 97 7.27 -8.93 -18.56
N SER B 98 6.58 -7.84 -18.28
CA SER B 98 5.84 -7.67 -17.04
C SER B 98 4.94 -8.87 -16.75
N ALA B 99 4.93 -9.31 -15.50
CA ALA B 99 4.09 -10.42 -15.06
C ALA B 99 2.60 -10.13 -15.18
N ALA B 100 2.23 -8.86 -15.28
CA ALA B 100 0.85 -8.47 -15.57
C ALA B 100 0.37 -8.90 -16.96
N ASP B 101 1.30 -9.06 -17.90
CA ASP B 101 0.98 -9.50 -19.26
C ASP B 101 0.58 -10.99 -19.35
N ILE B 102 0.85 -11.78 -18.30
CA ILE B 102 0.62 -13.23 -18.33
C ILE B 102 -0.02 -13.77 -17.06
N TRP B 103 -0.58 -14.96 -17.18
CA TRP B 103 -1.00 -15.73 -16.02
C TRP B 103 0.25 -16.17 -15.23
N THR B 104 0.14 -16.15 -13.90
CA THR B 104 1.17 -16.69 -13.01
C THR B 104 0.48 -17.55 -11.95
N PRO B 105 1.13 -18.61 -11.48
CA PRO B 105 0.50 -19.47 -10.50
C PRO B 105 0.39 -18.81 -9.14
N ASP B 106 -0.65 -19.22 -8.42
CA ASP B 106 -0.99 -18.71 -7.12
C ASP B 106 -0.29 -19.49 -5.99
N ILE B 107 1.04 -19.51 -6.02
CA ILE B 107 1.80 -20.29 -5.02
C ILE B 107 1.84 -19.52 -3.71
N THR B 108 1.40 -20.16 -2.64
CA THR B 108 1.16 -19.51 -1.35
C THR B 108 1.87 -20.27 -0.23
N ALA B 109 2.50 -19.54 0.67
CA ALA B 109 3.02 -20.12 1.89
C ALA B 109 1.83 -20.33 2.84
N ALA B 110 1.55 -21.59 3.19
CA ALA B 110 0.34 -21.96 3.92
C ALA B 110 0.33 -21.59 5.41
N SER B 111 1.50 -21.33 5.98
CA SER B 111 1.62 -20.93 7.38
C SER B 111 2.24 -19.53 7.57
N SER B 112 2.04 -18.65 6.58
CA SER B 112 2.49 -17.25 6.69
C SER B 112 1.67 -16.53 7.77
N THR B 113 2.29 -15.52 8.38
CA THR B 113 1.61 -14.69 9.37
C THR B 113 1.45 -13.23 8.99
N ARG B 114 2.05 -12.81 7.87
CA ARG B 114 1.92 -11.43 7.35
C ARG B 114 1.88 -11.61 5.83
N PRO B 115 1.35 -10.62 5.10
CA PRO B 115 1.47 -10.71 3.65
C PRO B 115 2.95 -10.75 3.24
N VAL B 116 3.24 -11.60 2.26
CA VAL B 116 4.57 -11.70 1.70
C VAL B 116 4.96 -10.35 1.10
N GLN B 117 6.18 -9.92 1.36
CA GLN B 117 6.71 -8.69 0.78
C GLN B 117 7.59 -9.03 -0.42
N VAL B 118 7.38 -8.30 -1.51
CA VAL B 118 8.03 -8.58 -2.77
C VAL B 118 9.31 -7.76 -2.87
N LEU B 119 10.43 -8.41 -3.15
CA LEU B 119 11.75 -7.78 -3.17
C LEU B 119 12.38 -7.65 -4.55
N SER B 120 11.69 -8.15 -5.57
CA SER B 120 12.21 -8.13 -6.94
C SER B 120 11.13 -7.64 -7.92
N PRO B 121 11.54 -7.16 -9.10
CA PRO B 121 10.58 -6.68 -10.08
C PRO B 121 9.69 -7.80 -10.59
N GLN B 122 8.42 -7.50 -10.79
CA GLN B 122 7.46 -8.50 -11.24
CA GLN B 122 7.45 -8.49 -11.23
C GLN B 122 7.59 -8.64 -12.76
N ILE B 123 8.66 -9.32 -13.17
CA ILE B 123 8.98 -9.51 -14.58
C ILE B 123 9.35 -10.97 -14.79
N ALA B 124 8.85 -11.54 -15.87
CA ALA B 124 9.09 -12.94 -16.22
C ALA B 124 9.83 -13.07 -17.56
N VAL B 125 10.36 -14.27 -17.80
CA VAL B 125 11.07 -14.58 -19.02
C VAL B 125 10.25 -15.61 -19.77
N VAL B 126 9.95 -15.33 -21.04
CA VAL B 126 9.18 -16.23 -21.89
C VAL B 126 10.09 -16.71 -23.02
N THR B 127 10.01 -18.01 -23.32
CA THR B 127 10.91 -18.66 -24.28
C THR B 127 10.06 -19.21 -25.41
N HIS B 128 10.66 -19.34 -26.60
CA HIS B 128 9.94 -19.63 -27.84
C HIS B 128 9.11 -20.91 -27.84
N ASP B 129 9.47 -21.87 -26.99
CA ASP B 129 8.68 -23.09 -26.79
C ASP B 129 7.45 -22.92 -25.87
N GLY B 130 7.26 -21.71 -25.33
CA GLY B 130 6.17 -21.43 -24.41
C GLY B 130 6.50 -21.62 -22.93
N SER B 131 7.78 -21.76 -22.61
CA SER B 131 8.24 -21.86 -21.22
C SER B 131 8.24 -20.50 -20.57
N VAL B 132 7.74 -20.43 -19.35
CA VAL B 132 7.79 -19.19 -18.57
C VAL B 132 8.65 -19.46 -17.34
N MET B 133 9.59 -18.56 -17.06
CA MET B 133 10.38 -18.57 -15.85
C MET B 133 10.13 -17.27 -15.09
N PHE B 134 9.76 -17.40 -13.82
CA PHE B 134 9.44 -16.25 -12.97
C PHE B 134 10.10 -16.51 -11.64
N SER B 135 10.92 -15.57 -11.18
CA SER B 135 11.78 -15.78 -10.02
C SER B 135 11.62 -14.71 -8.92
N PRO B 136 10.44 -14.67 -8.28
CA PRO B 136 10.20 -13.62 -7.30
C PRO B 136 11.02 -13.76 -6.02
N ALA B 137 11.67 -12.67 -5.64
CA ALA B 137 12.33 -12.60 -4.34
C ALA B 137 11.29 -12.15 -3.32
N GLN B 138 11.33 -12.76 -2.14
CA GLN B 138 10.28 -12.55 -1.14
C GLN B 138 10.86 -12.44 0.25
N ARG B 139 10.21 -11.67 1.10
CA ARG B 139 10.41 -11.77 2.54
C ARG B 139 9.14 -12.31 3.15
N LEU B 140 9.28 -13.38 3.93
CA LEU B 140 8.16 -14.13 4.46
C LEU B 140 8.27 -14.24 5.97
N SER B 141 7.18 -13.90 6.68
CA SER B 141 7.02 -14.27 8.09
C SER B 141 6.14 -15.51 8.17
N PHE B 142 6.58 -16.52 8.92
CA PHE B 142 5.82 -17.76 9.06
C PHE B 142 5.91 -18.36 10.46
N MET B 143 5.01 -19.29 10.73
CA MET B 143 4.88 -19.95 12.03
C MET B 143 6.04 -20.89 12.31
N CYS B 144 6.83 -20.56 13.34
CA CYS B 144 8.01 -21.34 13.71
C CYS B 144 8.36 -21.05 15.17
N ASP B 145 8.35 -22.09 15.99
CA ASP B 145 8.85 -22.02 17.36
C ASP B 145 10.37 -22.14 17.33
N PRO B 146 11.08 -21.05 17.64
CA PRO B 146 12.54 -21.05 17.60
C PRO B 146 13.22 -21.53 18.89
N THR B 147 12.49 -22.12 19.83
CA THR B 147 13.07 -22.57 21.08
C THR B 147 14.12 -23.66 20.78
N GLY B 148 15.33 -23.44 21.28
CA GLY B 148 16.48 -24.29 20.99
C GLY B 148 17.41 -23.78 19.89
N VAL B 149 17.09 -22.63 19.31
CA VAL B 149 17.92 -22.04 18.25
C VAL B 149 19.32 -21.69 18.75
N ASP B 150 19.44 -21.39 20.04
CA ASP B 150 20.72 -21.05 20.68
C ASP B 150 21.46 -22.24 21.26
N SER B 151 21.35 -23.40 20.61
CA SER B 151 22.03 -24.64 21.01
C SER B 151 22.78 -25.23 19.81
N GLU B 152 23.51 -26.33 20.05
CA GLU B 152 24.29 -27.02 19.00
C GLU B 152 23.38 -27.68 17.97
N GLU B 153 22.30 -28.28 18.45
CA GLU B 153 21.40 -29.06 17.64
C GLU B 153 20.51 -28.12 16.82
N GLY B 154 20.29 -26.92 17.36
CA GLY B 154 19.47 -25.92 16.72
C GLY B 154 18.00 -26.26 16.76
N VAL B 155 17.27 -25.75 15.77
CA VAL B 155 15.84 -25.91 15.70
C VAL B 155 15.42 -26.21 14.26
N THR B 156 14.29 -26.88 14.09
CA THR B 156 13.75 -27.19 12.78
C THR B 156 12.42 -26.48 12.60
N CYS B 157 12.23 -25.92 11.41
CA CYS B 157 10.97 -25.32 11.02
C CYS B 157 10.61 -25.62 9.57
N ALA B 158 9.32 -25.61 9.29
CA ALA B 158 8.78 -26.03 8.02
C ALA B 158 7.70 -25.06 7.56
N VAL B 159 7.62 -24.88 6.25
CA VAL B 159 6.53 -24.13 5.63
C VAL B 159 6.17 -24.77 4.29
N LYS B 160 4.88 -25.04 4.11
CA LYS B 160 4.37 -25.64 2.90
C LYS B 160 4.02 -24.56 1.88
N PHE B 161 4.45 -24.76 0.64
CA PHE B 161 4.06 -23.89 -0.45
C PHE B 161 3.11 -24.66 -1.36
N GLU B 162 1.97 -24.07 -1.66
CA GLU B 162 0.90 -24.73 -2.42
C GLU B 162 0.08 -23.73 -3.19
N SER B 163 -0.63 -24.21 -4.22
CA SER B 163 -1.68 -23.42 -4.82
C SER B 163 -2.81 -23.35 -3.82
N TRP B 164 -3.29 -22.13 -3.59
CA TRP B 164 -4.37 -21.92 -2.62
C TRP B 164 -5.71 -22.45 -3.15
N VAL B 165 -5.94 -22.37 -4.45
CA VAL B 165 -7.27 -22.64 -5.01
C VAL B 165 -7.38 -23.85 -5.93
N TYR B 166 -6.27 -24.36 -6.44
CA TYR B 166 -6.30 -25.49 -7.37
C TYR B 166 -5.97 -26.77 -6.64
N SER B 167 -6.71 -27.83 -6.94
CA SER B 167 -6.43 -29.18 -6.46
C SER B 167 -5.30 -29.83 -7.30
N GLY B 168 -4.95 -31.06 -6.93
CA GLY B 168 -3.98 -31.87 -7.66
C GLY B 168 -4.46 -32.34 -9.03
N PHE B 169 -5.78 -32.29 -9.26
CA PHE B 169 -6.35 -32.55 -10.58
C PHE B 169 -6.05 -31.44 -11.59
N GLU B 170 -5.81 -30.22 -11.11
CA GLU B 170 -5.55 -29.06 -11.98
C GLU B 170 -4.09 -28.63 -11.99
N ILE B 171 -3.44 -28.63 -10.82
CA ILE B 171 -2.04 -28.22 -10.67
C ILE B 171 -1.22 -29.30 -9.98
N ASP B 172 -0.07 -29.60 -10.56
CA ASP B 172 0.96 -30.40 -9.93
C ASP B 172 2.17 -29.50 -9.68
N LEU B 173 2.83 -29.68 -8.54
CA LEU B 173 4.05 -28.97 -8.23
C LEU B 173 5.15 -29.99 -8.14
N LYS B 174 6.32 -29.66 -8.67
CA LYS B 174 7.49 -30.51 -8.48
C LYS B 174 8.74 -29.69 -8.31
N THR B 175 9.82 -30.37 -7.97
CA THR B 175 11.14 -29.79 -7.82
C THR B 175 12.13 -30.51 -8.75
N ASP B 176 13.21 -29.84 -9.09
CA ASP B 176 14.34 -30.43 -9.82
C ASP B 176 15.30 -31.18 -8.90
N THR B 177 15.31 -30.75 -7.63
CA THR B 177 16.15 -31.35 -6.60
C THR B 177 15.45 -31.09 -5.28
N ASP B 178 15.68 -31.97 -4.31
CA ASP B 178 15.13 -31.79 -2.97
C ASP B 178 16.05 -30.96 -2.06
N GLN B 179 17.15 -30.45 -2.61
CA GLN B 179 18.09 -29.60 -1.85
C GLN B 179 17.89 -28.13 -2.18
N VAL B 180 17.59 -27.35 -1.15
CA VAL B 180 17.45 -25.90 -1.26
C VAL B 180 18.81 -25.33 -1.60
N ASP B 181 18.86 -24.39 -2.52
CA ASP B 181 20.13 -23.78 -2.90
C ASP B 181 20.55 -22.71 -1.87
N LEU B 182 21.74 -22.89 -1.32
CA LEU B 182 22.30 -22.01 -0.27
C LEU B 182 23.49 -21.20 -0.75
N SER B 183 23.67 -21.11 -2.07
CA SER B 183 24.85 -20.46 -2.63
C SER B 183 24.82 -18.94 -2.51
N SER B 184 23.64 -18.34 -2.38
CA SER B 184 23.45 -16.90 -2.05
C SER B 184 23.11 -16.67 -0.57
N TYR B 185 23.27 -17.68 0.29
CA TYR B 185 22.95 -17.49 1.71
C TYR B 185 23.98 -16.54 2.32
N TYR B 186 23.48 -15.55 3.06
CA TYR B 186 24.35 -14.53 3.66
C TYR B 186 25.38 -15.16 4.63
N ALA B 187 26.65 -15.00 4.28
CA ALA B 187 27.78 -15.56 5.06
C ALA B 187 27.83 -15.07 6.51
N SER B 188 27.39 -13.85 6.76
CA SER B 188 27.38 -13.28 8.12
C SER B 188 25.98 -13.17 8.74
N SER B 189 25.05 -14.01 8.31
CA SER B 189 23.75 -14.12 8.96
C SER B 189 23.90 -14.37 10.47
N LYS B 190 22.91 -13.96 11.26
CA LYS B 190 22.87 -14.37 12.66
C LYS B 190 22.66 -15.88 12.80
N TYR B 191 22.11 -16.50 11.76
CA TYR B 191 21.73 -17.91 11.80
C TYR B 191 22.46 -18.70 10.74
N GLU B 192 22.97 -19.85 11.17
CA GLU B 192 23.71 -20.80 10.36
C GLU B 192 22.74 -21.89 9.92
N ILE B 193 22.77 -22.25 8.64
CA ILE B 193 21.91 -23.30 8.12
C ILE B 193 22.62 -24.64 8.23
N LEU B 194 21.97 -25.57 8.93
CA LEU B 194 22.47 -26.92 9.11
C LEU B 194 21.94 -27.83 8.02
N SER B 195 20.72 -27.58 7.57
CA SER B 195 20.10 -28.38 6.54
C SER B 195 18.91 -27.62 5.96
N ALA B 196 18.66 -27.76 4.66
CA ALA B 196 17.54 -27.10 4.01
C ALA B 196 17.03 -27.90 2.84
N THR B 197 15.79 -28.37 2.91
CA THR B 197 15.20 -29.25 1.89
C THR B 197 13.87 -28.73 1.36
N GLN B 198 13.55 -29.14 0.14
CA GLN B 198 12.30 -28.78 -0.54
C GLN B 198 11.70 -30.05 -1.12
N THR B 199 10.63 -30.53 -0.53
CA THR B 199 10.13 -31.87 -0.82
C THR B 199 8.66 -31.82 -1.23
N ARG B 200 8.37 -32.34 -2.41
CA ARG B 200 7.00 -32.51 -2.88
C ARG B 200 6.23 -33.49 -1.98
N GLN B 201 4.99 -33.13 -1.64
CA GLN B 201 4.14 -33.97 -0.81
C GLN B 201 2.73 -33.96 -1.38
N VAL B 202 2.05 -35.09 -1.21
CA VAL B 202 0.65 -35.22 -1.58
C VAL B 202 -0.14 -35.09 -0.30
N GLN B 203 -1.26 -34.39 -0.40
CA GLN B 203 -2.03 -33.93 0.75
C GLN B 203 -3.51 -34.12 0.36
N HIS B 204 -4.42 -34.05 1.34
CA HIS B 204 -5.87 -34.12 1.06
C HIS B 204 -6.63 -33.04 1.86
N TYR B 205 -7.55 -32.33 1.19
CA TYR B 205 -8.37 -31.29 1.83
C TYR B 205 -9.28 -31.94 2.91
N LYS B 206 -9.70 -31.14 3.90
CA LYS B 206 -10.54 -31.65 5.02
C LYS B 206 -11.96 -32.04 4.57
N GLY B 207 -12.81 -31.05 4.23
CA GLY B 207 -14.17 -31.26 3.73
C GLY B 207 -14.31 -31.91 2.37
N THR B 208 -13.52 -31.45 1.41
CA THR B 208 -13.45 -32.12 0.10
C THR B 208 -12.93 -33.56 0.09
N GLY B 209 -11.71 -33.91 0.54
CA GLY B 209 -11.16 -35.22 0.35
C GLY B 209 -10.36 -35.41 -0.95
N GLU B 210 -10.49 -34.48 -1.92
CA GLU B 210 -9.67 -34.56 -3.14
C GLU B 210 -8.22 -34.09 -2.89
N PRO B 211 -7.24 -34.64 -3.65
CA PRO B 211 -5.83 -34.40 -3.35
C PRO B 211 -5.33 -33.02 -3.76
N TYR B 212 -4.27 -32.55 -3.11
CA TYR B 212 -3.53 -31.34 -3.54
C TYR B 212 -2.04 -31.47 -3.21
N ILE B 213 -1.22 -30.77 -3.99
CA ILE B 213 0.23 -30.88 -3.86
C ILE B 213 0.78 -29.66 -3.14
N ASP B 214 1.81 -29.90 -2.33
CA ASP B 214 2.64 -28.83 -1.75
C ASP B 214 4.10 -29.17 -1.89
N VAL B 215 4.95 -28.16 -1.78
CA VAL B 215 6.39 -28.34 -1.65
C VAL B 215 6.72 -27.84 -0.24
N ASN B 216 7.24 -28.76 0.58
CA ASN B 216 7.55 -28.49 1.97
C ASN B 216 8.98 -28.03 2.09
N LEU B 217 9.14 -26.78 2.51
CA LEU B 217 10.44 -26.19 2.78
C LEU B 217 10.72 -26.46 4.25
N VAL B 218 11.76 -27.24 4.52
CA VAL B 218 12.18 -27.61 5.87
C VAL B 218 13.59 -27.07 6.06
N VAL B 219 13.76 -26.19 7.05
CA VAL B 219 15.04 -25.56 7.34
C VAL B 219 15.44 -25.84 8.77
N LYS B 220 16.65 -26.33 8.94
CA LYS B 220 17.22 -26.59 10.26
C LYS B 220 18.36 -25.62 10.46
N PHE B 221 18.31 -24.86 11.55
CA PHE B 221 19.25 -23.77 11.76
C PHE B 221 19.52 -23.53 13.24
N ARG B 222 20.53 -22.70 13.50
CA ARG B 222 20.89 -22.30 14.86
C ARG B 222 21.64 -20.98 14.84
N GLU B 223 21.76 -20.33 16.00
CA GLU B 223 22.59 -19.13 16.13
C GLU B 223 24.04 -19.44 15.81
N ARG B 224 24.69 -18.53 15.08
CA ARG B 224 26.07 -18.73 14.64
C ARG B 224 27.03 -18.82 15.82
N ARG B 225 27.95 -19.78 15.74
CA ARG B 225 28.94 -20.01 16.80
C ARG B 225 30.25 -20.33 16.07
N ALA B 226 31.33 -20.40 16.85
CA ALA B 226 32.67 -20.62 16.28
C ALA B 226 32.81 -21.96 15.54
N GLY B 227 32.43 -23.01 16.25
CA GLY B 227 32.59 -24.40 15.81
C GLY B 227 32.94 -25.23 17.06
N GLY B 229 30.57 -27.30 14.93
CA GLY B 229 30.15 -26.98 16.30
C GLY B 229 29.79 -28.09 17.26
N PHE B 230 30.15 -29.34 16.94
CA PHE B 230 29.84 -30.51 17.76
C PHE B 230 30.97 -31.08 18.61
N PHE B 231 32.19 -30.57 18.44
CA PHE B 231 33.37 -31.03 19.20
C PHE B 231 33.38 -30.44 20.61
N GLN C 20 -8.42 -24.98 -22.39
CA GLN C 20 -8.06 -23.53 -22.45
C GLN C 20 -9.13 -22.75 -23.23
N ALA C 21 -9.42 -23.23 -24.44
CA ALA C 21 -10.34 -22.55 -25.34
C ALA C 21 -11.79 -22.56 -24.83
N ASN C 22 -12.25 -23.71 -24.34
CA ASN C 22 -13.59 -23.80 -23.78
C ASN C 22 -13.76 -22.91 -22.54
N LEU C 23 -12.76 -22.89 -21.67
CA LEU C 23 -12.80 -22.05 -20.49
C LEU C 23 -12.80 -20.56 -20.88
N MET C 24 -12.01 -20.18 -21.87
CA MET C 24 -12.00 -18.80 -22.39
C MET C 24 -13.40 -18.39 -22.84
N ARG C 25 -14.09 -19.28 -23.55
CA ARG C 25 -15.49 -19.06 -23.96
C ARG C 25 -16.42 -18.91 -22.77
N LEU C 26 -16.27 -19.80 -21.82
CA LEU C 26 -17.12 -19.80 -20.63
C LEU C 26 -16.99 -18.47 -19.88
N LYS C 27 -15.75 -18.04 -19.64
CA LYS C 27 -15.50 -16.79 -18.93
C LYS C 27 -15.99 -15.60 -19.71
N SER C 28 -15.74 -15.61 -21.01
CA SER C 28 -16.25 -14.60 -21.90
C SER C 28 -17.79 -14.51 -21.85
N ASP C 29 -18.45 -15.66 -21.91
CA ASP C 29 -19.91 -15.69 -21.82
C ASP C 29 -20.46 -15.19 -20.48
N LEU C 30 -19.84 -15.59 -19.38
CA LEU C 30 -20.31 -15.18 -18.05
C LEU C 30 -20.01 -13.73 -17.70
N PHE C 31 -18.83 -13.24 -18.06
CA PHE C 31 -18.30 -11.95 -17.56
C PHE C 31 -18.36 -10.74 -18.52
N ASN C 32 -18.20 -10.97 -19.82
CA ASN C 32 -18.21 -9.91 -20.83
C ASN C 32 -19.61 -9.61 -21.39
N ARG C 33 -20.48 -10.62 -21.51
CA ARG C 33 -21.84 -10.41 -22.05
C ARG C 33 -22.73 -9.61 -21.09
N SER C 34 -22.94 -10.16 -19.90
CA SER C 34 -23.75 -9.52 -18.86
C SER C 34 -22.88 -8.66 -17.94
N PRO C 35 -23.48 -7.64 -17.28
CA PRO C 35 -22.73 -7.00 -16.19
C PRO C 35 -22.61 -7.90 -14.95
N MET C 36 -21.87 -7.41 -13.97
CA MET C 36 -21.63 -8.11 -12.71
C MET C 36 -22.94 -8.16 -11.87
N TYR C 37 -23.07 -9.18 -11.03
CA TYR C 37 -24.14 -9.26 -10.05
C TYR C 37 -24.05 -8.00 -9.16
N PRO C 38 -25.15 -7.23 -9.05
CA PRO C 38 -25.10 -5.96 -8.36
C PRO C 38 -25.26 -6.04 -6.83
N GLY C 39 -25.48 -7.24 -6.31
CA GLY C 39 -25.71 -7.45 -4.89
C GLY C 39 -27.15 -7.82 -4.65
N PRO C 40 -27.45 -8.33 -3.45
CA PRO C 40 -28.82 -8.68 -3.12
C PRO C 40 -29.72 -7.49 -2.84
N THR C 41 -31.03 -7.76 -2.92
CA THR C 41 -32.09 -6.80 -2.60
C THR C 41 -33.13 -7.51 -1.76
N LYS C 42 -34.09 -6.73 -1.24
CA LYS C 42 -35.22 -7.30 -0.47
C LYS C 42 -35.99 -8.37 -1.26
N ASP C 43 -36.18 -8.14 -2.55
CA ASP C 43 -36.91 -9.08 -3.42
C ASP C 43 -36.06 -10.27 -3.89
N ASP C 44 -34.75 -10.10 -3.92
CA ASP C 44 -33.82 -11.19 -4.29
C ASP C 44 -32.65 -11.28 -3.30
N PRO C 45 -32.94 -11.77 -2.07
CA PRO C 45 -31.93 -11.87 -1.02
C PRO C 45 -30.95 -13.01 -1.26
N LEU C 46 -29.86 -13.00 -0.51
CA LEU C 46 -28.78 -13.97 -0.68
C LEU C 46 -28.31 -14.56 0.64
N THR C 47 -28.06 -15.86 0.65
CA THR C 47 -27.54 -16.56 1.81
C THR C 47 -26.05 -16.84 1.59
N VAL C 48 -25.23 -16.43 2.55
CA VAL C 48 -23.79 -16.66 2.52
C VAL C 48 -23.47 -17.58 3.70
N THR C 49 -22.84 -18.72 3.42
CA THR C 49 -22.44 -19.64 4.46
C THR C 49 -20.95 -19.41 4.77
N LEU C 50 -20.62 -19.28 6.07
CA LEU C 50 -19.27 -19.03 6.55
C LEU C 50 -18.79 -20.18 7.42
N GLY C 51 -17.50 -20.50 7.29
CA GLY C 51 -16.80 -21.40 8.19
C GLY C 51 -15.41 -20.88 8.46
N PHE C 52 -14.99 -20.89 9.73
CA PHE C 52 -13.67 -20.43 10.12
C PHE C 52 -12.71 -21.58 10.36
N PHE C 53 -11.46 -21.38 9.94
CA PHE C 53 -10.40 -22.35 10.06
C PHE C 53 -9.25 -21.63 10.73
N LEU C 54 -9.19 -21.73 12.05
CA LEU C 54 -8.22 -21.01 12.85
C LEU C 54 -6.85 -21.68 12.77
N GLN C 55 -5.83 -20.91 12.41
CA GLN C 55 -4.47 -21.42 12.21
C GLN C 55 -3.48 -21.04 13.32
N ASP C 56 -3.65 -19.87 13.93
CA ASP C 56 -2.76 -19.45 15.00
C ASP C 56 -3.27 -18.21 15.72
N ILE C 57 -3.01 -18.15 17.02
CA ILE C 57 -3.05 -16.90 17.76
C ILE C 57 -1.60 -16.46 17.78
N VAL C 58 -1.29 -15.44 16.99
CA VAL C 58 0.09 -15.05 16.77
C VAL C 58 0.56 -14.16 17.90
N LYS C 59 -0.28 -13.21 18.30
CA LYS C 59 0.14 -12.19 19.24
C LYS C 59 -0.94 -11.74 20.19
N VAL C 60 -0.51 -11.35 21.38
CA VAL C 60 -1.34 -10.87 22.46
C VAL C 60 -0.64 -9.63 22.98
N ASP C 61 -1.37 -8.53 23.13
CA ASP C 61 -0.80 -7.27 23.62
C ASP C 61 -1.64 -6.80 24.81
N SER C 62 -1.11 -7.00 26.00
CA SER C 62 -1.79 -6.64 27.24
C SER C 62 -1.76 -5.14 27.54
N SER C 63 -0.88 -4.40 26.88
CA SER C 63 -0.88 -2.94 27.04
C SER C 63 -1.96 -2.23 26.20
N THR C 64 -2.38 -2.82 25.07
CA THR C 64 -3.42 -2.24 24.20
C THR C 64 -4.74 -3.04 24.12
N ASN C 65 -4.79 -4.19 24.75
CA ASN C 65 -5.90 -5.14 24.63
C ASN C 65 -6.26 -5.43 23.17
N GLU C 66 -5.23 -5.86 22.44
CA GLU C 66 -5.36 -6.35 21.05
C GLU C 66 -4.81 -7.77 20.98
N VAL C 67 -5.49 -8.63 20.22
CA VAL C 67 -4.99 -9.97 19.92
C VAL C 67 -5.02 -10.18 18.39
N ASP C 68 -4.01 -10.91 17.90
CA ASP C 68 -3.85 -11.15 16.48
C ASP C 68 -4.08 -12.62 16.15
N LEU C 69 -5.05 -12.88 15.25
CA LEU C 69 -5.33 -14.21 14.74
C LEU C 69 -4.92 -14.35 13.29
N VAL C 70 -4.49 -15.56 12.92
CA VAL C 70 -4.37 -15.96 11.52
C VAL C 70 -5.37 -17.08 11.33
N TYR C 71 -6.20 -16.95 10.30
CA TYR C 71 -7.20 -17.97 9.96
C TYR C 71 -7.52 -17.86 8.47
N TYR C 72 -8.26 -18.85 7.97
CA TYR C 72 -8.97 -18.62 6.73
C TYR C 72 -10.46 -18.86 6.93
N GLU C 73 -11.21 -18.24 6.05
CA GLU C 73 -12.63 -18.10 6.19
C GLU C 73 -13.26 -18.62 4.91
N ARG C 74 -13.89 -19.80 4.95
CA ARG C 74 -14.61 -20.32 3.78
C ARG C 74 -15.94 -19.63 3.64
N GLN C 75 -16.19 -19.06 2.46
CA GLN C 75 -17.44 -18.36 2.15
C GLN C 75 -18.09 -19.08 0.95
N ARG C 76 -19.38 -19.36 1.03
CA ARG C 76 -20.13 -20.01 -0.06
C ARG C 76 -21.44 -19.25 -0.32
N TRP C 77 -21.76 -19.04 -1.59
CA TRP C 77 -23.04 -18.50 -2.00
C TRP C 77 -23.37 -19.01 -3.41
N LYS C 78 -24.55 -18.67 -3.91
CA LYS C 78 -25.02 -19.22 -5.17
C LYS C 78 -25.84 -18.20 -5.96
N LEU C 79 -25.51 -18.07 -7.25
CA LEU C 79 -26.16 -17.12 -8.16
C LEU C 79 -26.58 -17.81 -9.45
N ASN C 80 -27.82 -17.59 -9.87
CA ASN C 80 -28.30 -18.14 -11.15
C ASN C 80 -27.49 -17.59 -12.32
N SER C 81 -27.10 -16.33 -12.26
CA SER C 81 -26.29 -15.70 -13.32
C SER C 81 -24.95 -16.37 -13.62
N LEU C 82 -24.43 -17.19 -12.69
CA LEU C 82 -23.18 -17.93 -12.90
C LEU C 82 -23.39 -19.41 -13.25
N MET C 83 -24.62 -19.82 -13.54
CA MET C 83 -24.91 -21.18 -14.04
C MET C 83 -24.45 -21.35 -15.48
N TRP C 84 -24.04 -22.57 -15.81
CA TRP C 84 -23.87 -22.99 -17.19
C TRP C 84 -24.08 -24.49 -17.32
N ASP C 85 -24.27 -24.94 -18.56
CA ASP C 85 -24.41 -26.36 -18.87
C ASP C 85 -23.03 -26.88 -19.24
N PRO C 86 -22.46 -27.80 -18.43
CA PRO C 86 -21.11 -28.32 -18.76
C PRO C 86 -20.97 -28.90 -20.17
N ASN C 87 -22.04 -29.50 -20.69
CA ASN C 87 -22.03 -30.12 -22.03
C ASN C 87 -21.71 -29.08 -23.13
N GLU C 88 -22.11 -27.85 -22.91
CA GLU C 88 -21.84 -26.75 -23.84
C GLU C 88 -20.42 -26.15 -23.77
N TYR C 89 -19.60 -26.61 -22.83
CA TYR C 89 -18.26 -26.06 -22.62
C TYR C 89 -17.24 -27.16 -22.31
N GLY C 90 -17.24 -28.21 -23.11
CA GLY C 90 -16.26 -29.30 -22.99
C GLY C 90 -16.26 -30.00 -21.65
N ASN C 91 -17.44 -30.17 -21.06
CA ASN C 91 -17.62 -30.84 -19.76
C ASN C 91 -16.89 -30.17 -18.56
N ILE C 92 -16.66 -28.85 -18.66
CA ILE C 92 -16.10 -28.07 -17.55
C ILE C 92 -17.17 -27.93 -16.47
N THR C 93 -16.87 -28.44 -15.27
CA THR C 93 -17.80 -28.41 -14.13
C THR C 93 -17.53 -27.24 -13.17
N ASP C 94 -16.29 -26.74 -13.17
CA ASP C 94 -15.90 -25.64 -12.31
C ASP C 94 -14.62 -24.96 -12.82
N PHE C 95 -14.39 -23.73 -12.37
CA PHE C 95 -13.17 -23.02 -12.74
C PHE C 95 -12.75 -22.04 -11.67
N ARG C 96 -11.53 -21.55 -11.81
CA ARG C 96 -10.94 -20.58 -10.91
C ARG C 96 -10.86 -19.25 -11.62
N THR C 97 -11.16 -18.18 -10.89
CA THR C 97 -11.05 -16.87 -11.47
C THR C 97 -10.83 -15.83 -10.39
N SER C 98 -10.15 -14.77 -10.80
CA SER C 98 -9.90 -13.63 -9.95
C SER C 98 -11.21 -13.12 -9.31
N ALA C 99 -11.14 -12.79 -8.03
CA ALA C 99 -12.29 -12.26 -7.30
C ALA C 99 -12.78 -10.92 -7.83
N ALA C 100 -11.90 -10.21 -8.55
CA ALA C 100 -12.31 -8.98 -9.26
C ALA C 100 -13.35 -9.21 -10.36
N ASP C 101 -13.37 -10.42 -10.93
CA ASP C 101 -14.36 -10.78 -11.96
C ASP C 101 -15.79 -10.93 -11.45
N ILE C 102 -15.96 -11.05 -10.13
CA ILE C 102 -17.27 -11.34 -9.53
C ILE C 102 -17.58 -10.47 -8.32
N TRP C 103 -18.87 -10.42 -7.98
CA TRP C 103 -19.30 -9.89 -6.70
C TRP C 103 -18.83 -10.83 -5.58
N THR C 104 -18.42 -10.24 -4.47
CA THR C 104 -18.09 -10.97 -3.24
C THR C 104 -18.75 -10.24 -2.08
N PRO C 105 -19.16 -10.98 -1.04
CA PRO C 105 -19.81 -10.32 0.08
C PRO C 105 -18.84 -9.53 0.92
N ASP C 106 -19.37 -8.47 1.52
CA ASP C 106 -18.60 -7.51 2.30
C ASP C 106 -18.53 -7.93 3.78
N ILE C 107 -17.98 -9.11 4.04
CA ILE C 107 -17.92 -9.66 5.40
C ILE C 107 -16.82 -8.97 6.18
N THR C 108 -17.17 -8.40 7.32
CA THR C 108 -16.29 -7.52 8.09
C THR C 108 -16.22 -7.98 9.55
N ALA C 109 -15.01 -7.99 10.10
CA ALA C 109 -14.82 -8.15 11.53
C ALA C 109 -15.18 -6.84 12.22
N ALA C 110 -16.21 -6.84 13.04
CA ALA C 110 -16.79 -5.62 13.61
C ALA C 110 -15.98 -4.96 14.71
N SER C 111 -15.05 -5.70 15.32
CA SER C 111 -14.20 -5.19 16.40
C SER C 111 -12.70 -5.27 16.06
N SER C 112 -12.39 -5.19 14.75
CA SER C 112 -11.00 -5.09 14.31
C SER C 112 -10.38 -3.76 14.77
N THR C 113 -9.07 -3.75 14.95
CA THR C 113 -8.34 -2.53 15.31
C THR C 113 -7.32 -2.09 14.25
N ARG C 114 -7.10 -2.88 13.22
CA ARG C 114 -6.24 -2.56 12.09
C ARG C 114 -6.93 -3.10 10.86
N PRO C 115 -6.59 -2.60 9.67
CA PRO C 115 -7.10 -3.26 8.47
C PRO C 115 -6.65 -4.70 8.41
N VAL C 116 -7.57 -5.57 8.02
CA VAL C 116 -7.27 -6.98 7.85
C VAL C 116 -6.20 -7.13 6.77
N GLN C 117 -5.22 -7.97 7.03
CA GLN C 117 -4.17 -8.26 6.05
C GLN C 117 -4.50 -9.57 5.34
N VAL C 118 -4.36 -9.56 4.03
CA VAL C 118 -4.75 -10.68 3.18
C VAL C 118 -3.53 -11.57 2.97
N LEU C 119 -3.68 -12.86 3.25
CA LEU C 119 -2.57 -13.83 3.20
C LEU C 119 -2.70 -14.86 2.07
N SER C 120 -3.77 -14.78 1.29
CA SER C 120 -4.02 -15.71 0.21
C SER C 120 -4.41 -14.98 -1.07
N PRO C 121 -4.25 -15.61 -2.24
CA PRO C 121 -4.59 -14.95 -3.50
C PRO C 121 -6.10 -14.71 -3.58
N GLN C 122 -6.48 -13.57 -4.13
CA GLN C 122 -7.88 -13.20 -4.23
CA GLN C 122 -7.87 -13.19 -4.24
C GLN C 122 -8.47 -13.91 -5.46
N ILE C 123 -8.71 -15.20 -5.30
CA ILE C 123 -9.18 -16.07 -6.36
C ILE C 123 -10.30 -16.92 -5.79
N ALA C 124 -11.38 -17.08 -6.56
CA ALA C 124 -12.55 -17.86 -6.18
C ALA C 124 -12.77 -19.04 -7.12
N VAL C 125 -13.59 -19.97 -6.66
CA VAL C 125 -13.93 -21.17 -7.42
C VAL C 125 -15.40 -21.08 -7.75
N VAL C 126 -15.73 -21.20 -9.04
CA VAL C 126 -17.11 -21.12 -9.52
C VAL C 126 -17.48 -22.47 -10.11
N THR C 127 -18.69 -22.94 -9.79
CA THR C 127 -19.14 -24.28 -10.14
C THR C 127 -20.37 -24.12 -11.02
N HIS C 128 -20.61 -25.12 -11.88
CA HIS C 128 -21.60 -25.04 -12.97
C HIS C 128 -23.03 -24.73 -12.54
N ASP C 129 -23.37 -25.04 -11.28
CA ASP C 129 -24.67 -24.69 -10.71
C ASP C 129 -24.77 -23.23 -10.20
N GLY C 130 -23.67 -22.48 -10.33
CA GLY C 130 -23.63 -21.09 -9.89
C GLY C 130 -23.13 -20.91 -8.45
N SER C 131 -22.55 -21.96 -7.87
CA SER C 131 -21.97 -21.88 -6.53
C SER C 131 -20.62 -21.20 -6.60
N VAL C 132 -20.37 -20.31 -5.65
CA VAL C 132 -19.07 -19.67 -5.54
C VAL C 132 -18.49 -20.05 -4.19
N MET C 133 -17.22 -20.47 -4.19
CA MET C 133 -16.45 -20.71 -2.97
CA MET C 133 -16.44 -20.70 -2.97
C MET C 133 -15.26 -19.75 -2.98
N PHE C 134 -15.11 -18.97 -1.90
CA PHE C 134 -14.02 -18.01 -1.76
C PHE C 134 -13.49 -18.18 -0.36
N SER C 135 -12.19 -18.42 -0.24
CA SER C 135 -11.58 -18.83 1.04
C SER C 135 -10.40 -17.95 1.47
N PRO C 136 -10.66 -16.68 1.78
CA PRO C 136 -9.56 -15.77 2.08
C PRO C 136 -8.87 -16.07 3.40
N ALA C 137 -7.55 -16.18 3.35
CA ALA C 137 -6.75 -16.27 4.56
C ALA C 137 -6.45 -14.84 5.02
N GLN C 138 -6.52 -14.62 6.33
CA GLN C 138 -6.47 -13.28 6.90
C GLN C 138 -5.63 -13.25 8.15
N ARG C 139 -4.97 -12.13 8.39
CA ARG C 139 -4.45 -11.81 9.72
C ARG C 139 -5.23 -10.65 10.26
N LEU C 140 -5.77 -10.83 11.46
CA LEU C 140 -6.72 -9.89 12.06
C LEU C 140 -6.20 -9.45 13.43
N SER C 141 -6.14 -8.14 13.66
CA SER C 141 -6.03 -7.58 15.01
C SER C 141 -7.41 -7.18 15.49
N PHE C 142 -7.78 -7.62 16.69
CA PHE C 142 -9.10 -7.28 17.24
C PHE C 142 -9.06 -7.04 18.76
N MET C 143 -10.13 -6.45 19.27
CA MET C 143 -10.26 -6.06 20.67
C MET C 143 -10.40 -7.29 21.58
N CYS C 144 -9.43 -7.48 22.45
CA CYS C 144 -9.39 -8.63 23.37
C CYS C 144 -8.47 -8.33 24.54
N ASP C 145 -9.03 -8.35 25.75
CA ASP C 145 -8.26 -8.27 26.99
C ASP C 145 -7.69 -9.66 27.29
N PRO C 146 -6.37 -9.84 27.18
CA PRO C 146 -5.75 -11.12 27.42
C PRO C 146 -5.38 -11.42 28.87
N THR C 147 -5.85 -10.61 29.82
CA THR C 147 -5.53 -10.82 31.24
C THR C 147 -6.10 -12.18 31.66
N GLY C 148 -5.23 -13.02 32.23
CA GLY C 148 -5.58 -14.39 32.59
C GLY C 148 -5.18 -15.46 31.58
N VAL C 149 -4.55 -15.05 30.48
CA VAL C 149 -4.11 -15.99 29.43
C VAL C 149 -3.07 -16.97 29.97
N ASP C 150 -2.30 -16.55 30.98
CA ASP C 150 -1.26 -17.38 31.61
C ASP C 150 -1.78 -18.18 32.83
N SER C 151 -3.03 -18.64 32.76
CA SER C 151 -3.66 -19.45 33.79
C SER C 151 -4.30 -20.71 33.18
N GLU C 152 -4.85 -21.59 34.02
CA GLU C 152 -5.48 -22.83 33.55
C GLU C 152 -6.76 -22.59 32.75
N GLU C 153 -7.54 -21.65 33.26
CA GLU C 153 -8.87 -21.36 32.69
CA GLU C 153 -8.86 -21.34 32.71
C GLU C 153 -8.70 -20.54 31.43
N GLY C 154 -7.59 -19.80 31.36
CA GLY C 154 -7.27 -19.00 30.18
C GLY C 154 -8.14 -17.77 30.09
N VAL C 155 -8.32 -17.31 28.86
CA VAL C 155 -9.10 -16.12 28.59
C VAL C 155 -10.02 -16.36 27.40
N THR C 156 -11.14 -15.66 27.38
CA THR C 156 -12.11 -15.78 26.29
C THR C 156 -12.23 -14.46 25.58
N CYS C 157 -12.26 -14.53 24.24
CA CYS C 157 -12.44 -13.36 23.40
C CYS C 157 -13.32 -13.66 22.21
N ALA C 158 -13.97 -12.61 21.71
CA ALA C 158 -15.02 -12.75 20.71
C ALA C 158 -14.89 -11.67 19.65
N VAL C 159 -15.24 -12.02 18.42
CA VAL C 159 -15.31 -11.08 17.33
C VAL C 159 -16.48 -11.43 16.40
N LYS C 160 -17.33 -10.46 16.10
CA LYS C 160 -18.48 -10.65 15.23
C LYS C 160 -18.09 -10.40 13.78
N PHE C 161 -18.50 -11.30 12.90
CA PHE C 161 -18.33 -11.11 11.48
C PHE C 161 -19.70 -10.86 10.85
N GLU C 162 -19.81 -9.79 10.07
CA GLU C 162 -21.08 -9.34 9.52
C GLU C 162 -20.90 -8.59 8.22
N SER C 163 -21.96 -8.50 7.43
CA SER C 163 -21.98 -7.56 6.33
C SER C 163 -22.09 -6.18 6.95
N TRP C 164 -21.22 -5.28 6.50
CA TRP C 164 -21.20 -3.93 7.02
C TRP C 164 -22.42 -3.11 6.55
N VAL C 165 -22.90 -3.37 5.34
CA VAL C 165 -23.92 -2.50 4.75
C VAL C 165 -25.29 -3.12 4.48
N TYR C 166 -25.38 -4.45 4.46
CA TYR C 166 -26.64 -5.13 4.15
C TYR C 166 -27.33 -5.58 5.41
N SER C 167 -28.65 -5.34 5.47
CA SER C 167 -29.49 -5.84 6.55
C SER C 167 -29.80 -7.34 6.37
N GLY C 168 -30.54 -7.88 7.33
CA GLY C 168 -31.03 -9.25 7.29
C GLY C 168 -32.09 -9.52 6.22
N PHE C 169 -32.71 -8.46 5.73
CA PHE C 169 -33.65 -8.55 4.61
C PHE C 169 -32.94 -8.82 3.27
N GLU C 170 -31.65 -8.46 3.17
CA GLU C 170 -30.88 -8.65 1.94
C GLU C 170 -29.88 -9.81 2.03
N ILE C 171 -29.19 -9.91 3.16
CA ILE C 171 -28.17 -10.95 3.39
C ILE C 171 -28.46 -11.72 4.66
N ASP C 172 -28.40 -13.05 4.53
CA ASP C 172 -28.39 -13.94 5.67
C ASP C 172 -27.03 -14.63 5.72
N LEU C 173 -26.50 -14.81 6.92
CA LEU C 173 -25.26 -15.55 7.12
C LEU C 173 -25.62 -16.80 7.90
N LYS C 174 -25.04 -17.93 7.51
CA LYS C 174 -25.18 -19.14 8.31
C LYS C 174 -23.88 -19.92 8.36
N THR C 175 -23.89 -20.93 9.22
CA THR C 175 -22.79 -21.86 9.34
C THR C 175 -23.31 -23.29 9.11
N ASP C 176 -22.42 -24.18 8.70
CA ASP C 176 -22.70 -25.63 8.61
C ASP C 176 -22.54 -26.32 9.97
N THR C 177 -21.71 -25.73 10.83
CA THR C 177 -21.44 -26.25 12.16
C THR C 177 -21.08 -25.06 13.04
N ASP C 178 -21.33 -25.21 14.35
CA ASP C 178 -20.95 -24.17 15.31
C ASP C 178 -19.51 -24.36 15.84
N GLN C 179 -18.80 -25.37 15.32
CA GLN C 179 -17.42 -25.64 15.71
C GLN C 179 -16.43 -25.12 14.70
N VAL C 180 -15.54 -24.24 15.17
CA VAL C 180 -14.46 -23.71 14.38
C VAL C 180 -13.50 -24.85 14.13
N ASP C 181 -13.02 -24.97 12.88
CA ASP C 181 -12.14 -26.05 12.51
C ASP C 181 -10.70 -25.73 12.96
N LEU C 182 -10.12 -26.64 13.75
CA LEU C 182 -8.76 -26.47 14.31
C LEU C 182 -7.75 -27.46 13.73
N SER C 183 -8.07 -28.04 12.58
CA SER C 183 -7.22 -29.07 11.99
C SER C 183 -5.94 -28.52 11.37
N SER C 184 -5.93 -27.24 10.99
CA SER C 184 -4.70 -26.51 10.58
C SER C 184 -4.14 -25.62 11.69
N TYR C 185 -4.59 -25.76 12.92
CA TYR C 185 -4.07 -24.95 14.02
C TYR C 185 -2.63 -25.33 14.28
N TYR C 186 -1.75 -24.34 14.37
CA TYR C 186 -0.32 -24.58 14.55
C TYR C 186 -0.05 -25.35 15.86
N ALA C 187 0.52 -26.54 15.72
CA ALA C 187 0.80 -27.44 16.85
C ALA C 187 1.73 -26.84 17.90
N SER C 188 2.66 -25.98 17.48
CA SER C 188 3.60 -25.33 18.41
C SER C 188 3.31 -23.85 18.64
N SER C 189 2.06 -23.43 18.48
CA SER C 189 1.65 -22.06 18.87
C SER C 189 2.03 -21.77 20.32
N LYS C 190 2.24 -20.50 20.64
CA LYS C 190 2.38 -20.08 22.05
C LYS C 190 1.08 -20.31 22.82
N TYR C 191 -0.05 -20.37 22.10
CA TYR C 191 -1.35 -20.43 22.70
C TYR C 191 -2.09 -21.71 22.29
N GLU C 192 -2.68 -22.34 23.28
CA GLU C 192 -3.44 -23.58 23.17
C GLU C 192 -4.93 -23.20 23.12
N ILE C 193 -5.68 -23.79 22.20
CA ILE C 193 -7.10 -23.51 22.07
C ILE C 193 -7.90 -24.48 22.94
N LEU C 194 -8.69 -23.92 23.84
CA LEU C 194 -9.57 -24.71 24.69
C LEU C 194 -10.93 -24.88 24.11
N SER C 195 -11.39 -23.87 23.39
CA SER C 195 -12.71 -23.89 22.78
C SER C 195 -12.75 -22.84 21.69
N ALA C 196 -13.46 -23.13 20.61
CA ALA C 196 -13.58 -22.20 19.49
C ALA C 196 -14.88 -22.44 18.75
N THR C 197 -15.79 -21.46 18.82
CA THR C 197 -17.13 -21.60 18.26
C THR C 197 -17.48 -20.47 17.31
N GLN C 198 -18.41 -20.77 16.38
CA GLN C 198 -18.89 -19.81 15.38
C GLN C 198 -20.42 -19.90 15.38
N THR C 199 -21.07 -18.85 15.89
CA THR C 199 -22.48 -18.91 16.19
C THR C 199 -23.24 -17.79 15.50
N ARG C 200 -24.23 -18.16 14.70
CA ARG C 200 -25.10 -17.19 14.05
C ARG C 200 -25.93 -16.45 15.10
N GLN C 201 -26.05 -15.13 14.95
CA GLN C 201 -26.84 -14.30 15.86
C GLN C 201 -27.63 -13.29 15.07
N VAL C 202 -28.80 -12.95 15.58
CA VAL C 202 -29.62 -11.89 15.04
C VAL C 202 -29.41 -10.66 15.90
N GLN C 203 -29.30 -9.52 15.25
CA GLN C 203 -28.86 -8.26 15.83
C GLN C 203 -29.77 -7.16 15.28
N HIS C 204 -29.75 -5.96 15.88
CA HIS C 204 -30.54 -4.82 15.36
C HIS C 204 -29.69 -3.54 15.35
N TYR C 205 -29.73 -2.79 14.24
CA TYR C 205 -29.01 -1.51 14.14
C TYR C 205 -29.61 -0.49 15.15
N LYS C 206 -28.83 0.52 15.53
CA LYS C 206 -29.31 1.59 16.44
C LYS C 206 -30.45 2.47 15.80
N GLY C 207 -30.09 3.34 14.86
CA GLY C 207 -30.99 4.42 14.39
C GLY C 207 -32.15 3.96 13.49
N THR C 208 -31.82 3.09 12.52
CA THR C 208 -32.78 2.21 11.89
C THR C 208 -32.71 0.95 12.77
N GLY C 209 -33.86 0.54 13.23
CA GLY C 209 -34.04 -0.68 14.05
C GLY C 209 -34.25 -1.98 13.29
N GLU C 210 -33.92 -2.02 12.00
CA GLU C 210 -34.08 -3.27 11.21
C GLU C 210 -32.96 -4.30 11.50
N PRO C 211 -33.27 -5.61 11.36
CA PRO C 211 -32.36 -6.65 11.79
C PRO C 211 -31.17 -6.86 10.87
N TYR C 212 -30.08 -7.40 11.42
CA TYR C 212 -28.92 -7.87 10.63
C TYR C 212 -28.25 -9.07 11.29
N ILE C 213 -27.58 -9.90 10.48
CA ILE C 213 -27.01 -11.15 10.96
C ILE C 213 -25.50 -10.99 11.14
N ASP C 214 -24.96 -11.65 12.17
CA ASP C 214 -23.53 -11.83 12.34
C ASP C 214 -23.22 -13.27 12.70
N VAL C 215 -21.97 -13.67 12.50
CA VAL C 215 -21.45 -14.93 13.01
C VAL C 215 -20.40 -14.54 14.05
N ASN C 216 -20.66 -14.94 15.29
CA ASN C 216 -19.82 -14.60 16.42
C ASN C 216 -18.76 -15.68 16.62
N LEU C 217 -17.52 -15.29 16.42
CA LEU C 217 -16.36 -16.16 16.63
C LEU C 217 -15.92 -15.96 18.06
N VAL C 218 -16.03 -17.00 18.87
CA VAL C 218 -15.66 -16.97 20.29
C VAL C 218 -14.56 -17.98 20.51
N VAL C 219 -13.40 -17.54 20.96
CA VAL C 219 -12.22 -18.38 21.12
C VAL C 219 -11.72 -18.26 22.56
N LYS C 220 -11.53 -19.42 23.19
CA LYS C 220 -11.03 -19.51 24.54
C LYS C 220 -9.67 -20.18 24.47
N PHE C 221 -8.66 -19.50 25.03
CA PHE C 221 -7.28 -19.93 24.86
C PHE C 221 -6.44 -19.57 26.08
N ARG C 222 -5.25 -20.15 26.12
CA ARG C 222 -4.29 -19.91 27.19
C ARG C 222 -2.88 -20.19 26.71
N GLU C 223 -1.88 -19.71 27.45
CA GLU C 223 -0.47 -20.04 27.17
C GLU C 223 -0.24 -21.54 27.34
N ARG C 224 0.53 -22.12 26.42
CA ARG C 224 0.68 -23.58 26.33
C ARG C 224 1.33 -24.16 27.60
N ARG C 225 0.80 -25.30 28.04
CA ARG C 225 1.31 -26.06 29.18
C ARG C 225 0.88 -27.54 28.94
N ALA C 226 1.23 -28.43 29.86
CA ALA C 226 0.56 -29.74 30.01
C ALA C 226 -0.06 -29.83 31.42
N HIS C 244 23.65 -20.72 -20.69
CA HIS C 244 22.26 -20.34 -20.97
C HIS C 244 21.37 -20.40 -19.69
N HIS C 245 22.03 -20.43 -18.53
CA HIS C 245 21.44 -20.58 -17.19
C HIS C 245 21.47 -19.23 -16.48
N HIS C 246 20.30 -18.70 -16.13
CA HIS C 246 20.19 -17.40 -15.43
C HIS C 246 18.99 -17.40 -14.47
N HIS C 247 18.98 -16.45 -13.51
CA HIS C 247 17.76 -15.85 -12.82
C HIS C 247 17.97 -15.25 -11.36
N HIS C 248 18.50 -14.03 -11.33
CA HIS C 248 19.17 -13.39 -10.15
C HIS C 248 19.87 -12.17 -10.75
N GLN D 20 -32.37 -8.42 -9.20
CA GLN D 20 -31.03 -8.34 -9.89
C GLN D 20 -31.15 -7.44 -11.13
N ALA D 21 -32.10 -7.75 -12.01
CA ALA D 21 -32.25 -7.05 -13.29
C ALA D 21 -32.69 -5.60 -13.11
N ASN D 22 -33.66 -5.37 -12.24
CA ASN D 22 -34.14 -4.02 -11.95
C ASN D 22 -33.05 -3.16 -11.31
N LEU D 23 -32.30 -3.74 -10.38
CA LEU D 23 -31.20 -3.02 -9.74
C LEU D 23 -30.10 -2.68 -10.76
N MET D 24 -29.78 -3.63 -11.65
CA MET D 24 -28.81 -3.38 -12.73
C MET D 24 -29.22 -2.16 -13.56
N ARG D 25 -30.52 -2.09 -13.90
CA ARG D 25 -31.08 -0.94 -14.62
C ARG D 25 -30.95 0.35 -13.84
N LEU D 26 -31.30 0.28 -12.56
CA LEU D 26 -31.27 1.45 -11.69
C LEU D 26 -29.85 2.02 -11.63
N LYS D 27 -28.88 1.15 -11.37
CA LYS D 27 -27.49 1.60 -11.27
C LYS D 27 -26.97 2.12 -12.59
N SER D 28 -27.30 1.41 -13.66
CA SER D 28 -26.98 1.88 -15.01
C SER D 28 -27.57 3.26 -15.29
N ASP D 29 -28.84 3.47 -14.95
CA ASP D 29 -29.47 4.77 -15.16
C ASP D 29 -28.85 5.89 -14.33
N LEU D 30 -28.54 5.62 -13.06
CA LEU D 30 -27.96 6.64 -12.20
C LEU D 30 -26.49 6.97 -12.50
N PHE D 31 -25.70 5.95 -12.80
CA PHE D 31 -24.22 6.08 -12.85
C PHE D 31 -23.56 6.14 -14.23
N ASN D 32 -24.11 5.45 -15.23
CA ASN D 32 -23.58 5.43 -16.60
C ASN D 32 -24.13 6.53 -17.51
N ARG D 33 -25.38 6.93 -17.32
CA ARG D 33 -26.00 8.02 -18.14
C ARG D 33 -25.37 9.37 -17.83
N SER D 34 -25.53 9.81 -16.58
CA SER D 34 -25.03 11.11 -16.12
C SER D 34 -23.62 10.97 -15.53
N PRO D 35 -22.81 12.04 -15.55
CA PRO D 35 -21.59 12.01 -14.74
C PRO D 35 -21.88 12.11 -13.23
N MET D 36 -20.82 11.98 -12.46
CA MET D 36 -20.88 11.99 -11.00
C MET D 36 -21.23 13.41 -10.49
N TYR D 37 -21.85 13.49 -9.32
CA TYR D 37 -22.04 14.77 -8.62
C TYR D 37 -20.66 15.41 -8.40
N PRO D 38 -20.48 16.66 -8.87
CA PRO D 38 -19.16 17.28 -8.84
C PRO D 38 -18.78 17.93 -7.52
N GLY D 39 -19.69 17.91 -6.54
CA GLY D 39 -19.47 18.55 -5.25
C GLY D 39 -20.33 19.79 -5.14
N PRO D 40 -20.48 20.31 -3.92
CA PRO D 40 -21.27 21.52 -3.72
C PRO D 40 -20.59 22.79 -4.20
N THR D 41 -21.41 23.83 -4.38
CA THR D 41 -20.98 25.18 -4.75
C THR D 41 -21.73 26.18 -3.88
N LYS D 42 -21.34 27.44 -3.97
CA LYS D 42 -22.05 28.52 -3.26
C LYS D 42 -23.54 28.58 -3.59
N ASP D 43 -23.89 28.35 -4.84
CA ASP D 43 -25.29 28.40 -5.29
C ASP D 43 -26.06 27.10 -4.97
N ASP D 44 -25.35 25.98 -4.83
CA ASP D 44 -25.96 24.70 -4.48
C ASP D 44 -25.18 24.00 -3.38
N PRO D 45 -25.27 24.52 -2.14
CA PRO D 45 -24.53 23.97 -0.99
C PRO D 45 -25.14 22.67 -0.50
N LEU D 46 -24.38 21.97 0.34
CA LEU D 46 -24.78 20.65 0.84
C LEU D 46 -24.60 20.53 2.35
N THR D 47 -25.58 19.92 2.99
CA THR D 47 -25.52 19.65 4.42
C THR D 47 -25.19 18.16 4.64
N VAL D 48 -24.15 17.91 5.44
CA VAL D 48 -23.71 16.57 5.77
C VAL D 48 -23.92 16.40 7.27
N THR D 49 -24.66 15.37 7.66
CA THR D 49 -24.89 15.08 9.06
C THR D 49 -23.92 13.98 9.51
N LEU D 50 -23.23 14.19 10.63
CA LEU D 50 -22.24 13.25 11.18
C LEU D 50 -22.68 12.76 12.54
N GLY D 51 -22.41 11.47 12.79
CA GLY D 51 -22.59 10.87 14.11
C GLY D 51 -21.44 9.91 14.35
N PHE D 52 -20.81 9.99 15.54
CA PHE D 52 -19.70 9.13 15.89
C PHE D 52 -20.13 8.00 16.80
N PHE D 53 -19.56 6.82 16.57
CA PHE D 53 -19.83 5.61 17.32
C PHE D 53 -18.48 5.10 17.77
N LEU D 54 -18.09 5.50 18.98
CA LEU D 54 -16.78 5.17 19.52
C LEU D 54 -16.74 3.73 20.01
N GLN D 55 -15.75 2.98 19.53
CA GLN D 55 -15.62 1.56 19.83
C GLN D 55 -14.47 1.22 20.78
N ASP D 56 -13.38 1.98 20.74
CA ASP D 56 -12.24 1.73 21.62
C ASP D 56 -11.22 2.85 21.58
N ILE D 57 -10.60 3.11 22.71
CA ILE D 57 -9.35 3.84 22.78
C ILE D 57 -8.31 2.72 22.86
N VAL D 58 -7.61 2.49 21.78
CA VAL D 58 -6.73 1.33 21.67
C VAL D 58 -5.42 1.62 22.35
N LYS D 59 -4.88 2.81 22.11
CA LYS D 59 -3.54 3.13 22.55
C LYS D 59 -3.35 4.58 22.95
N VAL D 60 -2.38 4.76 23.84
CA VAL D 60 -1.98 6.05 24.37
C VAL D 60 -0.45 6.02 24.36
N ASP D 61 0.18 7.06 23.83
CA ASP D 61 1.63 7.17 23.79
C ASP D 61 2.04 8.48 24.45
N SER D 62 2.50 8.38 25.69
CA SER D 62 2.92 9.57 26.46
C SER D 62 4.27 10.16 26.01
N SER D 63 5.06 9.39 25.28
CA SER D 63 6.31 9.93 24.75
C SER D 63 6.13 10.79 23.48
N THR D 64 5.06 10.54 22.70
CA THR D 64 4.76 11.33 21.49
C THR D 64 3.49 12.17 21.53
N ASN D 65 2.74 12.07 22.61
CA ASN D 65 1.40 12.69 22.74
C ASN D 65 0.49 12.37 21.55
N GLU D 66 0.36 11.07 21.31
CA GLU D 66 -0.57 10.50 20.32
C GLU D 66 -1.50 9.52 21.00
N VAL D 67 -2.78 9.56 20.63
CA VAL D 67 -3.77 8.58 21.10
C VAL D 67 -4.49 7.99 19.89
N ASP D 68 -4.81 6.69 19.98
CA ASP D 68 -5.43 5.95 18.88
C ASP D 68 -6.85 5.54 19.22
N LEU D 69 -7.80 5.97 18.40
CA LEU D 69 -9.21 5.63 18.52
C LEU D 69 -9.65 4.70 17.40
N VAL D 70 -10.58 3.80 17.70
CA VAL D 70 -11.33 3.05 16.71
C VAL D 70 -12.77 3.47 16.89
N TYR D 71 -13.41 3.86 15.79
CA TYR D 71 -14.80 4.27 15.78
C TYR D 71 -15.38 4.05 14.40
N TYR D 72 -16.69 4.19 14.27
CA TYR D 72 -17.25 4.44 12.96
C TYR D 72 -18.06 5.72 12.98
N GLU D 73 -18.20 6.28 11.78
CA GLU D 73 -18.66 7.61 11.58
C GLU D 73 -19.81 7.54 10.61
N ARG D 74 -21.05 7.72 11.07
CA ARG D 74 -22.21 7.77 10.17
C ARG D 74 -22.26 9.12 9.49
N GLN D 75 -22.32 9.11 8.15
CA GLN D 75 -22.40 10.32 7.35
C GLN D 75 -23.70 10.23 6.54
N ARG D 76 -24.48 11.30 6.51
CA ARG D 76 -25.72 11.37 5.71
C ARG D 76 -25.78 12.66 4.92
N TRP D 77 -26.19 12.55 3.66
CA TRP D 77 -26.46 13.72 2.82
C TRP D 77 -27.51 13.34 1.77
N LYS D 78 -27.93 14.32 0.97
CA LYS D 78 -29.03 14.11 0.05
C LYS D 78 -28.82 14.87 -1.27
N LEU D 79 -29.00 14.18 -2.39
CA LEU D 79 -28.82 14.74 -3.73
C LEU D 79 -30.01 14.43 -4.62
N ASN D 80 -30.53 15.44 -5.32
CA ASN D 80 -31.60 15.24 -6.28
C ASN D 80 -31.19 14.26 -7.39
N SER D 81 -29.94 14.33 -7.82
CA SER D 81 -29.44 13.47 -8.90
C SER D 81 -29.49 11.96 -8.60
N LEU D 82 -29.62 11.58 -7.32
CA LEU D 82 -29.76 10.17 -6.94
C LEU D 82 -31.19 9.74 -6.62
N MET D 83 -32.18 10.59 -6.90
CA MET D 83 -33.59 10.22 -6.78
C MET D 83 -34.02 9.25 -7.88
N TRP D 84 -34.97 8.39 -7.54
CA TRP D 84 -35.71 7.62 -8.53
C TRP D 84 -37.10 7.28 -7.99
N ASP D 85 -37.97 6.88 -8.91
CA ASP D 85 -39.32 6.43 -8.58
C ASP D 85 -39.28 4.91 -8.40
N PRO D 86 -39.51 4.41 -7.18
CA PRO D 86 -39.48 2.95 -6.98
C PRO D 86 -40.38 2.14 -7.92
N ASN D 87 -41.53 2.71 -8.31
CA ASN D 87 -42.48 2.04 -9.21
C ASN D 87 -41.85 1.68 -10.56
N GLU D 88 -40.91 2.50 -11.00
CA GLU D 88 -40.20 2.28 -12.27
C GLU D 88 -39.06 1.25 -12.20
N TYR D 89 -38.76 0.72 -11.01
CA TYR D 89 -37.65 -0.22 -10.81
C TYR D 89 -38.01 -1.35 -9.85
N GLY D 90 -39.16 -1.97 -10.09
CA GLY D 90 -39.61 -3.12 -9.30
C GLY D 90 -39.72 -2.88 -7.81
N ASN D 91 -40.18 -1.68 -7.45
CA ASN D 91 -40.39 -1.27 -6.04
C ASN D 91 -39.11 -1.27 -5.16
N ILE D 92 -37.95 -1.09 -5.80
CA ILE D 92 -36.68 -0.95 -5.07
C ILE D 92 -36.67 0.42 -4.38
N THR D 93 -36.56 0.41 -3.06
CA THR D 93 -36.54 1.64 -2.25
C THR D 93 -35.12 2.12 -1.90
N ASP D 94 -34.17 1.20 -1.89
CA ASP D 94 -32.78 1.50 -1.58
C ASP D 94 -31.83 0.42 -2.09
N PHE D 95 -30.55 0.76 -2.21
CA PHE D 95 -29.55 -0.21 -2.64
C PHE D 95 -28.18 0.12 -2.07
N ARG D 96 -27.28 -0.86 -2.19
CA ARG D 96 -25.91 -0.75 -1.77
C ARG D 96 -25.01 -0.65 -2.97
N THR D 97 -24.00 0.20 -2.89
CA THR D 97 -23.08 0.33 -3.98
C THR D 97 -21.74 0.86 -3.48
N SER D 98 -20.69 0.46 -4.18
CA SER D 98 -19.35 0.92 -3.94
C SER D 98 -19.29 2.46 -3.86
N ALA D 99 -18.55 2.95 -2.88
CA ALA D 99 -18.35 4.39 -2.69
C ALA D 99 -17.63 5.05 -3.85
N ALA D 100 -16.93 4.27 -4.66
CA ALA D 100 -16.32 4.76 -5.91
C ALA D 100 -17.35 5.21 -6.94
N ASP D 101 -18.57 4.65 -6.89
CA ASP D 101 -19.65 5.03 -7.79
C ASP D 101 -20.24 6.41 -7.53
N ILE D 102 -19.95 6.99 -6.36
CA ILE D 102 -20.57 8.26 -5.94
C ILE D 102 -19.57 9.23 -5.34
N TRP D 103 -19.98 10.50 -5.31
CA TRP D 103 -19.29 11.49 -4.53
C TRP D 103 -19.48 11.20 -3.04
N THR D 104 -18.41 11.42 -2.26
CA THR D 104 -18.45 11.33 -0.80
C THR D 104 -17.73 12.55 -0.25
N PRO D 105 -18.16 13.05 0.91
CA PRO D 105 -17.53 14.24 1.47
C PRO D 105 -16.14 13.94 1.99
N ASP D 106 -15.31 14.96 1.93
CA ASP D 106 -13.89 14.88 2.30
C ASP D 106 -13.70 15.22 3.80
N ILE D 107 -14.35 14.46 4.68
CA ILE D 107 -14.32 14.73 6.11
C ILE D 107 -12.98 14.26 6.67
N THR D 108 -12.27 15.16 7.33
CA THR D 108 -10.88 14.96 7.76
C THR D 108 -10.73 15.28 9.23
N ALA D 109 -10.01 14.43 9.96
CA ALA D 109 -9.59 14.73 11.31
C ALA D 109 -8.43 15.72 11.22
N ALA D 110 -8.63 16.92 11.76
CA ALA D 110 -7.69 18.03 11.58
C ALA D 110 -6.38 17.93 12.36
N SER D 111 -6.35 17.10 13.40
CA SER D 111 -5.16 16.89 14.22
C SER D 111 -4.65 15.43 14.19
N SER D 112 -4.88 14.74 13.09
CA SER D 112 -4.34 13.40 12.90
C SER D 112 -2.82 13.45 12.78
N THR D 113 -2.17 12.36 13.16
CA THR D 113 -0.72 12.23 13.03
C THR D 113 -0.26 11.11 12.09
N ARG D 114 -1.20 10.29 11.60
CA ARG D 114 -0.93 9.22 10.64
C ARG D 114 -2.10 9.20 9.70
N PRO D 115 -1.93 8.62 8.50
CA PRO D 115 -3.14 8.41 7.68
C PRO D 115 -4.16 7.55 8.40
N VAL D 116 -5.42 7.95 8.30
CA VAL D 116 -6.52 7.17 8.85
C VAL D 116 -6.53 5.80 8.17
N GLN D 117 -6.70 4.76 8.97
CA GLN D 117 -6.79 3.39 8.45
C GLN D 117 -8.27 3.00 8.38
N VAL D 118 -8.64 2.39 7.25
CA VAL D 118 -10.02 2.06 6.96
C VAL D 118 -10.28 0.63 7.43
N LEU D 119 -11.33 0.46 8.25
CA LEU D 119 -11.65 -0.84 8.86
C LEU D 119 -12.93 -1.49 8.33
N SER D 120 -13.61 -0.81 7.42
CA SER D 120 -14.88 -1.30 6.88
C SER D 120 -14.90 -1.18 5.36
N PRO D 121 -15.77 -1.95 4.68
CA PRO D 121 -15.85 -1.87 3.23
C PRO D 121 -16.33 -0.52 2.76
N GLN D 122 -15.76 -0.02 1.68
CA GLN D 122 -16.10 1.30 1.16
CA GLN D 122 -16.11 1.30 1.16
C GLN D 122 -17.38 1.15 0.33
N ILE D 123 -18.50 1.00 1.02
CA ILE D 123 -19.80 0.76 0.42
C ILE D 123 -20.81 1.67 1.12
N ALA D 124 -21.68 2.28 0.32
CA ALA D 124 -22.71 3.20 0.81
C ALA D 124 -24.12 2.68 0.49
N VAL D 125 -25.10 3.28 1.16
CA VAL D 125 -26.49 2.93 0.97
C VAL D 125 -27.18 4.14 0.37
N VAL D 126 -27.87 3.93 -0.75
CA VAL D 126 -28.59 5.01 -1.45
C VAL D 126 -30.08 4.68 -1.40
N THR D 127 -30.89 5.70 -1.13
CA THR D 127 -32.33 5.55 -0.92
C THR D 127 -33.03 6.37 -1.98
N HIS D 128 -34.27 5.96 -2.32
CA HIS D 128 -35.01 6.47 -3.50
C HIS D 128 -35.23 7.98 -3.52
N ASP D 129 -35.23 8.61 -2.35
CA ASP D 129 -35.29 10.07 -2.25
C ASP D 129 -33.96 10.80 -2.49
N GLY D 130 -32.88 10.04 -2.74
CA GLY D 130 -31.56 10.60 -2.96
C GLY D 130 -30.70 10.74 -1.71
N SER D 131 -31.12 10.10 -0.61
CA SER D 131 -30.35 10.08 0.62
C SER D 131 -29.21 9.09 0.51
N VAL D 132 -28.03 9.50 0.96
CA VAL D 132 -26.89 8.60 1.01
C VAL D 132 -26.49 8.44 2.45
N MET D 133 -26.27 7.19 2.87
CA MET D 133 -25.69 6.87 4.18
CA MET D 133 -25.70 6.86 4.17
C MET D 133 -24.36 6.14 3.93
N PHE D 134 -23.29 6.65 4.52
CA PHE D 134 -21.96 6.04 4.41
C PHE D 134 -21.37 6.02 5.80
N SER D 135 -20.95 4.84 6.25
CA SER D 135 -20.56 4.64 7.64
C SER D 135 -19.17 4.04 7.83
N PRO D 136 -18.12 4.78 7.45
CA PRO D 136 -16.78 4.22 7.50
C PRO D 136 -16.25 4.00 8.90
N ALA D 137 -15.77 2.79 9.15
CA ALA D 137 -15.06 2.49 10.39
C ALA D 137 -13.59 2.88 10.19
N GLN D 138 -13.00 3.49 11.21
CA GLN D 138 -11.68 4.08 11.08
C GLN D 138 -10.84 3.82 12.30
N ARG D 139 -9.52 3.70 12.12
CA ARG D 139 -8.58 3.81 13.22
C ARG D 139 -7.77 5.08 13.00
N LEU D 140 -7.75 5.92 14.02
CA LEU D 140 -7.19 7.26 13.95
C LEU D 140 -6.13 7.45 15.03
N SER D 141 -4.95 7.92 14.63
CA SER D 141 -3.97 8.48 15.57
C SER D 141 -4.09 10.00 15.55
N PHE D 142 -4.20 10.62 16.72
CA PHE D 142 -4.32 12.08 16.80
C PHE D 142 -3.60 12.66 18.00
N MET D 143 -3.41 13.99 17.94
CA MET D 143 -2.67 14.74 18.96
C MET D 143 -3.43 14.81 20.28
N CYS D 144 -2.86 14.21 21.31
CA CYS D 144 -3.49 14.14 22.64
C CYS D 144 -2.41 13.87 23.68
N ASP D 145 -2.26 14.80 24.62
CA ASP D 145 -1.42 14.61 25.81
C ASP D 145 -2.20 13.77 26.82
N PRO D 146 -1.78 12.52 27.04
CA PRO D 146 -2.49 11.64 27.96
C PRO D 146 -2.05 11.76 29.43
N THR D 147 -1.27 12.77 29.80
CA THR D 147 -0.81 12.94 31.17
C THR D 147 -2.02 13.12 32.08
N GLY D 148 -2.11 12.26 33.12
CA GLY D 148 -3.26 12.22 34.02
C GLY D 148 -4.28 11.13 33.71
N VAL D 149 -4.04 10.33 32.65
CA VAL D 149 -4.95 9.26 32.27
C VAL D 149 -5.05 8.20 33.35
N ASP D 150 -4.00 8.03 34.14
CA ASP D 150 -3.94 7.05 35.23
C ASP D 150 -4.41 7.62 36.59
N SER D 151 -5.38 8.53 36.57
CA SER D 151 -5.98 9.14 37.75
C SER D 151 -7.51 9.03 37.70
N GLU D 152 -8.17 9.45 38.77
CA GLU D 152 -9.65 9.42 38.84
C GLU D 152 -10.33 10.36 37.86
N GLU D 153 -9.75 11.53 37.74
CA GLU D 153 -10.29 12.62 36.93
C GLU D 153 -10.05 12.32 35.46
N GLY D 154 -8.98 11.58 35.18
CA GLY D 154 -8.62 11.19 33.85
C GLY D 154 -8.07 12.35 33.04
N VAL D 155 -8.24 12.26 31.73
CA VAL D 155 -7.72 13.26 30.81
C VAL D 155 -8.76 13.56 29.74
N THR D 156 -8.70 14.77 29.19
CA THR D 156 -9.59 15.16 28.10
C THR D 156 -8.79 15.42 26.84
N CYS D 157 -9.32 14.93 25.72
CA CYS D 157 -8.75 15.19 24.41
C CYS D 157 -9.84 15.48 23.38
N ALA D 158 -9.44 16.22 22.35
CA ALA D 158 -10.36 16.72 21.35
C ALA D 158 -9.76 16.55 19.96
N VAL D 159 -10.64 16.32 18.99
CA VAL D 159 -10.25 16.30 17.59
C VAL D 159 -11.41 16.85 16.75
N LYS D 160 -11.07 17.80 15.88
CA LYS D 160 -12.05 18.42 15.01
C LYS D 160 -12.16 17.65 13.70
N PHE D 161 -13.38 17.40 13.27
CA PHE D 161 -13.62 16.80 11.97
C PHE D 161 -14.23 17.84 11.06
N GLU D 162 -13.67 18.00 9.87
CA GLU D 162 -14.05 19.08 8.96
C GLU D 162 -13.77 18.69 7.51
N SER D 163 -14.44 19.37 6.59
CA SER D 163 -14.04 19.30 5.19
C SER D 163 -12.74 20.03 5.07
N TRP D 164 -11.77 19.41 4.42
CA TRP D 164 -10.46 20.00 4.24
C TRP D 164 -10.49 21.16 3.23
N VAL D 165 -11.34 21.07 2.23
CA VAL D 165 -11.29 22.03 1.10
C VAL D 165 -12.50 22.94 0.93
N TYR D 166 -13.64 22.60 1.52
CA TYR D 166 -14.87 23.37 1.34
C TYR D 166 -15.10 24.30 2.52
N SER D 167 -15.47 25.54 2.24
CA SER D 167 -15.90 26.51 3.26
C SER D 167 -17.34 26.22 3.73
N GLY D 168 -17.80 27.02 4.68
CA GLY D 168 -19.18 26.97 5.17
C GLY D 168 -20.23 27.43 4.17
N PHE D 169 -19.79 28.16 3.14
CA PHE D 169 -20.67 28.53 2.02
C PHE D 169 -21.02 27.34 1.12
N GLU D 170 -20.17 26.31 1.10
CA GLU D 170 -20.40 25.13 0.26
C GLU D 170 -20.87 23.91 1.07
N ILE D 171 -20.25 23.68 2.24
CA ILE D 171 -20.59 22.53 3.09
C ILE D 171 -20.93 22.99 4.50
N ASP D 172 -22.04 22.47 5.02
CA ASP D 172 -22.40 22.59 6.41
C ASP D 172 -22.37 21.19 7.01
N LEU D 173 -21.90 21.09 8.25
CA LEU D 173 -21.89 19.85 9.00
C LEU D 173 -22.82 20.03 10.17
N LYS D 174 -23.60 19.00 10.48
CA LYS D 174 -24.38 19.02 11.70
C LYS D 174 -24.45 17.65 12.33
N THR D 175 -25.01 17.61 13.54
CA THR D 175 -25.24 16.37 14.25
C THR D 175 -26.72 16.27 14.61
N ASP D 176 -27.20 15.04 14.80
CA ASP D 176 -28.55 14.79 15.32
C ASP D 176 -28.60 14.84 16.85
N THR D 177 -27.45 14.61 17.47
CA THR D 177 -27.32 14.69 18.91
C THR D 177 -25.89 15.08 19.23
N ASP D 178 -25.68 15.73 20.36
CA ASP D 178 -24.32 16.10 20.78
CA ASP D 178 -24.32 16.10 20.79
C ASP D 178 -23.65 14.99 21.62
N GLN D 179 -24.33 13.84 21.78
CA GLN D 179 -23.79 12.70 22.51
C GLN D 179 -23.25 11.64 21.56
N VAL D 180 -21.97 11.33 21.73
CA VAL D 180 -21.32 10.27 20.99
C VAL D 180 -21.93 8.96 21.45
N ASP D 181 -22.22 8.07 20.52
CA ASP D 181 -22.82 6.79 20.84
C ASP D 181 -21.74 5.82 21.36
N LEU D 182 -21.96 5.31 22.58
CA LEU D 182 -21.01 4.41 23.25
C LEU D 182 -21.53 2.98 23.38
N SER D 183 -22.55 2.63 22.61
CA SER D 183 -23.22 1.34 22.76
C SER D 183 -22.40 0.18 22.20
N SER D 184 -21.46 0.46 21.27
CA SER D 184 -20.46 -0.52 20.80
C SER D 184 -19.08 -0.33 21.43
N TYR D 185 -18.98 0.47 22.49
CA TYR D 185 -17.68 0.70 23.12
C TYR D 185 -17.23 -0.59 23.80
N TYR D 186 -15.98 -0.99 23.56
CA TYR D 186 -15.47 -2.25 24.10
C TYR D 186 -15.48 -2.25 25.64
N ALA D 187 -16.25 -3.16 26.21
CA ALA D 187 -16.43 -3.26 27.67
C ALA D 187 -15.12 -3.52 28.43
N SER D 188 -14.18 -4.24 27.80
CA SER D 188 -12.89 -4.54 28.42
C SER D 188 -11.71 -3.72 27.85
N SER D 189 -12.00 -2.56 27.29
CA SER D 189 -10.95 -1.62 26.90
C SER D 189 -9.99 -1.32 28.05
N LYS D 190 -8.75 -0.96 27.75
CA LYS D 190 -7.85 -0.41 28.77
C LYS D 190 -8.35 0.90 29.34
N TYR D 191 -9.19 1.60 28.57
CA TYR D 191 -9.64 2.93 28.93
C TYR D 191 -11.16 3.00 29.05
N GLU D 192 -11.60 3.65 30.12
CA GLU D 192 -12.99 3.86 30.46
C GLU D 192 -13.39 5.24 29.99
N ILE D 193 -14.55 5.36 29.35
CA ILE D 193 -15.04 6.67 28.89
C ILE D 193 -15.89 7.31 29.97
N LEU D 194 -15.49 8.52 30.36
CA LEU D 194 -16.21 9.32 31.35
C LEU D 194 -17.22 10.23 30.66
N SER D 195 -16.87 10.71 29.47
CA SER D 195 -17.74 11.60 28.73
C SER D 195 -17.29 11.63 27.27
N ALA D 196 -18.24 11.77 26.35
CA ALA D 196 -17.92 11.81 24.93
C ALA D 196 -18.95 12.60 24.15
N THR D 197 -18.54 13.75 23.60
CA THR D 197 -19.47 14.65 22.91
C THR D 197 -19.01 15.00 21.50
N GLN D 198 -19.99 15.38 20.67
CA GLN D 198 -19.77 15.75 19.27
C GLN D 198 -20.53 17.04 19.02
N THR D 199 -19.80 18.14 18.86
CA THR D 199 -20.41 19.47 18.87
C THR D 199 -20.04 20.23 17.62
N ARG D 200 -21.04 20.71 16.89
CA ARG D 200 -20.83 21.59 15.76
C ARG D 200 -20.23 22.92 16.21
N GLN D 201 -19.24 23.41 15.47
CA GLN D 201 -18.58 24.68 15.74
C GLN D 201 -18.38 25.43 14.45
N VAL D 202 -18.45 26.75 14.55
CA VAL D 202 -18.16 27.64 13.45
C VAL D 202 -16.76 28.18 13.68
N GLN D 203 -16.00 28.26 12.59
CA GLN D 203 -14.57 28.50 12.62
C GLN D 203 -14.27 29.47 11.47
N HIS D 204 -13.08 30.09 11.45
CA HIS D 204 -12.71 30.98 10.34
C HIS D 204 -11.28 30.70 9.87
N TYR D 205 -11.09 30.59 8.54
CA TYR D 205 -9.75 30.38 7.95
C TYR D 205 -8.87 31.64 8.23
N LYS D 206 -7.55 31.46 8.21
CA LYS D 206 -6.58 32.57 8.38
C LYS D 206 -6.66 33.62 7.22
N GLY D 207 -6.12 33.26 6.06
CA GLY D 207 -5.84 34.22 4.96
C GLY D 207 -7.08 34.72 4.22
N THR D 208 -7.97 33.79 3.87
CA THR D 208 -9.37 34.09 3.60
C THR D 208 -10.04 33.95 4.98
N GLY D 209 -10.73 35.00 5.37
CA GLY D 209 -11.47 35.05 6.65
C GLY D 209 -12.91 34.53 6.60
N GLU D 210 -13.27 33.78 5.56
CA GLU D 210 -14.60 33.18 5.41
C GLU D 210 -14.79 31.95 6.33
N PRO D 211 -16.04 31.66 6.72
CA PRO D 211 -16.29 30.62 7.74
C PRO D 211 -16.14 29.19 7.23
N TYR D 212 -15.89 28.25 8.14
CA TYR D 212 -15.99 26.82 7.88
C TYR D 212 -16.46 26.06 9.14
N ILE D 213 -17.10 24.92 8.91
CA ILE D 213 -17.73 24.16 9.99
C ILE D 213 -16.86 22.96 10.34
N ASP D 214 -16.83 22.63 11.64
CA ASP D 214 -16.28 21.38 12.12
C ASP D 214 -17.21 20.76 13.14
N VAL D 215 -17.04 19.45 13.37
CA VAL D 215 -17.67 18.77 14.48
C VAL D 215 -16.54 18.35 15.41
N ASN D 216 -16.57 18.89 16.63
CA ASN D 216 -15.53 18.68 17.62
C ASN D 216 -15.88 17.47 18.48
N LEU D 217 -15.06 16.43 18.35
CA LEU D 217 -15.18 15.22 19.14
C LEU D 217 -14.31 15.44 20.37
N VAL D 218 -14.96 15.46 21.53
CA VAL D 218 -14.29 15.65 22.82
C VAL D 218 -14.54 14.42 23.65
N VAL D 219 -13.45 13.74 24.04
CA VAL D 219 -13.55 12.49 24.79
C VAL D 219 -12.75 12.63 26.07
N LYS D 220 -13.40 12.30 27.19
CA LYS D 220 -12.77 12.33 28.51
C LYS D 220 -12.70 10.89 28.99
N PHE D 221 -11.50 10.44 29.34
CA PHE D 221 -11.27 9.04 29.65
C PHE D 221 -10.16 8.85 30.68
N ARG D 222 -10.05 7.62 31.16
CA ARG D 222 -9.00 7.25 32.12
C ARG D 222 -8.73 5.74 32.06
N GLU D 223 -7.60 5.32 32.63
CA GLU D 223 -7.25 3.91 32.66
C GLU D 223 -8.25 3.13 33.49
N ARG D 224 -8.57 1.93 33.03
CA ARG D 224 -9.47 1.01 33.73
C ARG D 224 -8.92 0.62 35.09
N ARG D 225 -9.80 0.51 36.06
CA ARG D 225 -9.41 0.14 37.44
C ARG D 225 -9.91 -1.25 37.86
N PHE D 230 -14.66 -1.20 43.58
CA PHE D 230 -15.19 -1.13 44.97
C PHE D 230 -14.33 -1.81 46.02
N PHE D 231 -13.39 -2.68 45.59
CA PHE D 231 -12.25 -3.11 46.45
C PHE D 231 -10.88 -3.14 45.75
N GLN E 20 -24.68 22.75 -10.05
CA GLN E 20 -24.29 21.33 -10.38
C GLN E 20 -24.05 21.20 -11.88
N ALA E 21 -25.04 21.62 -12.67
CA ALA E 21 -24.96 21.50 -14.13
C ALA E 21 -23.88 22.41 -14.75
N ASN E 22 -23.81 23.66 -14.26
CA ASN E 22 -22.80 24.59 -14.73
C ASN E 22 -21.38 24.13 -14.38
N LEU E 23 -21.19 23.61 -13.18
CA LEU E 23 -19.91 23.09 -12.76
C LEU E 23 -19.52 21.87 -13.59
N MET E 24 -20.47 20.98 -13.85
CA MET E 24 -20.23 19.82 -14.72
C MET E 24 -19.70 20.25 -16.08
N ARG E 25 -20.31 21.29 -16.66
CA ARG E 25 -19.86 21.89 -17.92
C ARG E 25 -18.45 22.45 -17.83
N LEU E 26 -18.21 23.20 -16.75
CA LEU E 26 -16.93 23.82 -16.55
C LEU E 26 -15.82 22.77 -16.50
N LYS E 27 -16.03 21.74 -15.68
CA LYS E 27 -15.03 20.68 -15.54
C LYS E 27 -14.84 19.91 -16.83
N SER E 28 -15.94 19.61 -17.49
CA SER E 28 -15.91 18.99 -18.81
C SER E 28 -15.10 19.84 -19.81
N ASP E 29 -15.34 21.14 -19.85
CA ASP E 29 -14.61 22.04 -20.74
C ASP E 29 -13.12 22.12 -20.42
N LEU E 30 -12.76 22.19 -19.15
CA LEU E 30 -11.35 22.30 -18.75
C LEU E 30 -10.57 20.99 -18.89
N PHE E 31 -11.19 19.87 -18.53
CA PHE E 31 -10.47 18.58 -18.36
C PHE E 31 -10.63 17.53 -19.48
N ASN E 32 -11.79 17.47 -20.12
CA ASN E 32 -12.04 16.51 -21.22
C ASN E 32 -11.67 17.03 -22.60
N ARG E 33 -11.80 18.33 -22.86
CA ARG E 33 -11.47 18.91 -24.19
C ARG E 33 -9.97 18.89 -24.46
N SER E 34 -9.23 19.60 -23.61
CA SER E 34 -7.76 19.68 -23.71
C SER E 34 -7.09 18.59 -22.88
N PRO E 35 -5.86 18.18 -23.23
CA PRO E 35 -5.10 17.37 -22.30
C PRO E 35 -4.61 18.16 -21.07
N MET E 36 -3.99 17.44 -20.15
CA MET E 36 -3.45 18.00 -18.91
C MET E 36 -2.24 18.92 -19.22
N TYR E 37 -2.02 19.91 -18.37
CA TYR E 37 -0.79 20.73 -18.43
C TYR E 37 0.41 19.78 -18.28
N PRO E 38 1.36 19.82 -19.23
CA PRO E 38 2.45 18.86 -19.24
C PRO E 38 3.64 19.20 -18.34
N GLY E 39 3.58 20.35 -17.68
CA GLY E 39 4.66 20.82 -16.82
C GLY E 39 5.35 21.99 -17.48
N PRO E 40 6.17 22.73 -16.70
CA PRO E 40 6.90 23.86 -17.25
C PRO E 40 8.09 23.47 -18.13
N THR E 41 8.55 24.43 -18.91
CA THR E 41 9.75 24.33 -19.74
C THR E 41 10.58 25.61 -19.58
N LYS E 42 11.78 25.61 -20.16
CA LYS E 42 12.64 26.81 -20.16
C LYS E 42 11.94 28.04 -20.75
N ASP E 43 11.18 27.84 -21.83
CA ASP E 43 10.48 28.96 -22.50
C ASP E 43 9.18 29.34 -21.81
N ASP E 44 8.58 28.42 -21.06
CA ASP E 44 7.34 28.70 -20.29
C ASP E 44 7.46 28.19 -18.86
N PRO E 45 8.29 28.87 -18.04
CA PRO E 45 8.51 28.46 -16.65
C PRO E 45 7.35 28.78 -15.75
N LEU E 46 7.36 28.20 -14.55
CA LEU E 46 6.27 28.33 -13.59
C LEU E 46 6.77 28.70 -12.19
N THR E 47 6.06 29.60 -11.54
CA THR E 47 6.36 30.00 -10.18
C THR E 47 5.37 29.32 -9.23
N VAL E 48 5.91 28.64 -8.21
CA VAL E 48 5.10 27.96 -7.21
C VAL E 48 5.40 28.62 -5.87
N THR E 49 4.37 29.11 -5.21
CA THR E 49 4.52 29.72 -3.90
C THR E 49 4.19 28.69 -2.82
N LEU E 50 5.08 28.56 -1.82
CA LEU E 50 4.92 27.61 -0.71
C LEU E 50 4.80 28.35 0.62
N GLY E 51 3.93 27.84 1.49
CA GLY E 51 3.83 28.28 2.86
C GLY E 51 3.62 27.07 3.77
N PHE E 52 4.36 27.00 4.87
CA PHE E 52 4.25 25.90 5.81
C PHE E 52 3.45 26.27 7.04
N PHE E 53 2.65 25.32 7.51
CA PHE E 53 1.79 25.48 8.66
C PHE E 53 2.11 24.30 9.57
N LEU E 54 3.04 24.52 10.49
CA LEU E 54 3.53 23.47 11.36
C LEU E 54 2.53 23.19 12.48
N GLN E 55 2.16 21.93 12.62
CA GLN E 55 1.15 21.50 13.59
C GLN E 55 1.72 20.74 14.79
N ASP E 56 2.81 20.01 14.62
CA ASP E 56 3.42 19.27 15.73
C ASP E 56 4.77 18.70 15.36
N ILE E 57 5.67 18.67 16.34
CA ILE E 57 6.85 17.80 16.29
C ILE E 57 6.40 16.58 17.10
N VAL E 58 6.12 15.48 16.40
CA VAL E 58 5.50 14.33 17.02
C VAL E 58 6.54 13.48 17.71
N LYS E 59 7.67 13.26 17.03
CA LYS E 59 8.68 12.35 17.52
C LYS E 59 10.09 12.78 17.24
N VAL E 60 10.98 12.38 18.14
CA VAL E 60 12.41 12.65 18.08
C VAL E 60 13.09 11.34 18.42
N ASP E 61 14.04 10.90 17.60
CA ASP E 61 14.75 9.63 17.83
C ASP E 61 16.25 9.92 17.84
N SER E 62 16.81 9.97 19.04
CA SER E 62 18.24 10.26 19.21
C SER E 62 19.15 9.08 18.84
N SER E 63 18.61 7.88 18.76
CA SER E 63 19.41 6.73 18.31
C SER E 63 19.57 6.66 16.78
N THR E 64 18.63 7.22 16.00
CA THR E 64 18.72 7.23 14.52
C THR E 64 18.87 8.62 13.88
N ASN E 65 18.83 9.66 14.70
CA ASN E 65 18.81 11.06 14.23
C ASN E 65 17.73 11.30 13.18
N GLU E 66 16.51 10.93 13.55
CA GLU E 66 15.29 11.21 12.78
C GLU E 66 14.31 11.99 13.65
N VAL E 67 13.65 12.97 13.05
CA VAL E 67 12.57 13.71 13.69
C VAL E 67 11.34 13.70 12.79
N ASP E 68 10.16 13.64 13.41
CA ASP E 68 8.89 13.54 12.70
C ASP E 68 8.06 14.80 12.90
N LEU E 69 7.72 15.46 11.80
CA LEU E 69 6.85 16.63 11.79
C LEU E 69 5.49 16.32 11.18
N VAL E 70 4.45 16.95 11.71
CA VAL E 70 3.15 17.00 11.05
C VAL E 70 2.91 18.47 10.72
N TYR E 71 2.56 18.74 9.47
CA TYR E 71 2.29 20.09 8.99
C TYR E 71 1.36 20.02 7.79
N TYR E 72 0.87 21.16 7.34
CA TYR E 72 0.38 21.25 6.00
C TYR E 72 1.10 22.35 5.24
N GLU E 73 1.07 22.20 3.93
CA GLU E 73 1.90 22.94 3.03
C GLU E 73 1.00 23.57 1.99
N ARG E 74 0.78 24.88 2.07
CA ARG E 74 0.01 25.58 1.03
C ARG E 74 0.87 25.77 -0.21
N GLN E 75 0.37 25.33 -1.35
CA GLN E 75 1.04 25.48 -2.63
C GLN E 75 0.13 26.28 -3.55
N ARG E 76 0.67 27.28 -4.23
CA ARG E 76 -0.10 28.12 -5.18
C ARG E 76 0.66 28.27 -6.50
N TRP E 77 -0.05 28.14 -7.61
CA TRP E 77 0.49 28.42 -8.93
C TRP E 77 -0.64 28.86 -9.85
N LYS E 78 -0.29 29.25 -11.08
CA LYS E 78 -1.28 29.81 -11.99
C LYS E 78 -1.03 29.36 -13.44
N LEU E 79 -2.10 28.92 -14.11
CA LEU E 79 -2.03 28.44 -15.49
C LEU E 79 -3.12 29.10 -16.34
N ASN E 80 -2.75 29.61 -17.50
CA ASN E 80 -3.73 30.17 -18.44
C ASN E 80 -4.76 29.15 -18.87
N SER E 81 -4.33 27.90 -19.06
CA SER E 81 -5.23 26.81 -19.48
C SER E 81 -6.40 26.52 -18.52
N LEU E 82 -6.30 26.97 -17.26
CA LEU E 82 -7.38 26.81 -16.28
C LEU E 82 -8.23 28.07 -16.06
N MET E 83 -8.06 29.10 -16.90
CA MET E 83 -8.92 30.29 -16.88
C MET E 83 -10.30 29.99 -17.44
N TRP E 84 -11.30 30.69 -16.92
CA TRP E 84 -12.61 30.76 -17.53
C TRP E 84 -13.31 32.06 -17.16
N ASP E 85 -14.34 32.39 -17.91
CA ASP E 85 -15.16 33.57 -17.66
C ASP E 85 -16.34 33.13 -16.79
N PRO E 86 -16.42 33.61 -15.54
CA PRO E 86 -17.53 33.21 -14.68
C PRO E 86 -18.93 33.42 -15.27
N ASN E 87 -19.10 34.46 -16.08
CA ASN E 87 -20.40 34.79 -16.71
CA ASN E 87 -20.41 34.77 -16.66
C ASN E 87 -20.91 33.65 -17.60
N GLU E 88 -19.97 32.92 -18.20
CA GLU E 88 -20.30 31.77 -19.05
C GLU E 88 -20.65 30.47 -18.30
N TYR E 89 -20.53 30.46 -16.98
CA TYR E 89 -20.75 29.26 -16.16
C TYR E 89 -21.49 29.58 -14.86
N GLY E 90 -22.59 30.32 -14.99
CA GLY E 90 -23.45 30.64 -13.84
C GLY E 90 -22.77 31.35 -12.69
N ASN E 91 -21.85 32.25 -13.03
CA ASN E 91 -21.09 33.05 -12.05
C ASN E 91 -20.23 32.22 -11.05
N ILE E 92 -19.81 31.03 -11.47
CA ILE E 92 -18.88 30.20 -10.69
C ILE E 92 -17.49 30.86 -10.75
N THR E 93 -16.96 31.23 -9.59
CA THR E 93 -15.64 31.89 -9.47
C THR E 93 -14.52 30.91 -9.12
N ASP E 94 -14.87 29.78 -8.51
CA ASP E 94 -13.92 28.77 -8.12
C ASP E 94 -14.59 27.41 -7.87
N PHE E 95 -13.80 26.34 -7.91
CA PHE E 95 -14.32 25.02 -7.62
C PHE E 95 -13.27 24.11 -7.03
N ARG E 96 -13.75 22.99 -6.50
CA ARG E 96 -12.90 21.96 -5.90
C ARG E 96 -12.87 20.76 -6.83
N THR E 97 -11.69 20.16 -6.96
CA THR E 97 -11.57 18.99 -7.77
C THR E 97 -10.38 18.15 -7.34
N SER E 98 -10.52 16.85 -7.56
CA SER E 98 -9.47 15.89 -7.31
C SER E 98 -8.15 16.33 -7.95
N ALA E 99 -7.06 16.18 -7.19
CA ALA E 99 -5.73 16.52 -7.67
C ALA E 99 -5.27 15.67 -8.85
N ALA E 100 -5.91 14.51 -9.03
CA ALA E 100 -5.67 13.68 -10.22
C ALA E 100 -6.13 14.33 -11.53
N ASP E 101 -7.10 15.24 -11.45
CA ASP E 101 -7.58 15.97 -12.62
C ASP E 101 -6.58 17.03 -13.17
N ILE E 102 -5.57 17.38 -12.38
CA ILE E 102 -4.63 18.43 -12.75
C ILE E 102 -3.16 18.06 -12.50
N TRP E 103 -2.28 18.81 -13.15
CA TRP E 103 -0.87 18.79 -12.83
C TRP E 103 -0.67 19.39 -11.43
N THR E 104 0.26 18.81 -10.67
CA THR E 104 0.69 19.35 -9.38
C THR E 104 2.22 19.29 -9.35
N PRO E 105 2.86 20.25 -8.67
CA PRO E 105 4.31 20.24 -8.63
C PRO E 105 4.85 19.12 -7.73
N ASP E 106 6.04 18.66 -8.09
CA ASP E 106 6.72 17.57 -7.45
C ASP E 106 7.60 18.05 -6.28
N ILE E 107 7.00 18.72 -5.30
CA ILE E 107 7.75 19.29 -4.18
C ILE E 107 8.14 18.19 -3.21
N THR E 108 9.43 18.08 -2.93
CA THR E 108 10.01 16.97 -2.18
C THR E 108 10.86 17.47 -1.03
N ALA E 109 10.73 16.84 0.14
CA ALA E 109 11.65 17.04 1.24
C ALA E 109 12.95 16.30 0.92
N ALA E 110 14.04 17.04 0.77
CA ALA E 110 15.32 16.49 0.30
C ALA E 110 16.08 15.61 1.29
N SER E 111 15.76 15.71 2.57
CA SER E 111 16.41 14.89 3.61
C SER E 111 15.41 13.98 4.37
N SER E 112 14.34 13.57 3.68
CA SER E 112 13.39 12.61 4.26
C SER E 112 14.06 11.24 4.45
N THR E 113 13.57 10.49 5.43
CA THR E 113 14.05 9.12 5.68
C THR E 113 13.00 8.04 5.50
N ARG E 114 11.74 8.42 5.28
CA ARG E 114 10.64 7.49 5.00
C ARG E 114 9.78 8.20 3.98
N PRO E 115 8.95 7.45 3.23
CA PRO E 115 8.01 8.14 2.36
C PRO E 115 7.07 9.03 3.20
N VAL E 116 6.81 10.22 2.69
CA VAL E 116 5.87 11.13 3.29
C VAL E 116 4.49 10.48 3.34
N GLN E 117 3.83 10.60 4.48
CA GLN E 117 2.47 10.10 4.66
C GLN E 117 1.49 11.24 4.50
N VAL E 118 0.44 11.00 3.73
CA VAL E 118 -0.53 12.00 3.37
C VAL E 118 -1.68 11.96 4.38
N LEU E 119 -2.00 13.11 4.97
CA LEU E 119 -3.01 13.21 6.04
C LEU E 119 -4.28 13.94 5.64
N SER E 120 -4.34 14.42 4.40
CA SER E 120 -5.49 15.17 3.92
C SER E 120 -5.94 14.67 2.54
N PRO E 121 -7.19 14.95 2.16
CA PRO E 121 -7.68 14.50 0.86
C PRO E 121 -6.95 15.19 -0.28
N GLN E 122 -6.68 14.45 -1.34
CA GLN E 122 -5.93 14.98 -2.47
C GLN E 122 -6.92 15.77 -3.35
N ILE E 123 -7.26 16.96 -2.88
CA ILE E 123 -8.23 17.83 -3.55
C ILE E 123 -7.66 19.23 -3.58
N ALA E 124 -7.81 19.91 -4.72
CA ALA E 124 -7.33 21.27 -4.92
C ALA E 124 -8.48 22.24 -5.22
N VAL E 125 -8.18 23.53 -5.12
CA VAL E 125 -9.12 24.59 -5.39
C VAL E 125 -8.63 25.33 -6.62
N VAL E 126 -9.50 25.48 -7.62
CA VAL E 126 -9.16 26.18 -8.86
C VAL E 126 -10.05 27.42 -8.96
N THR E 127 -9.45 28.53 -9.36
CA THR E 127 -10.12 29.84 -9.38
C THR E 127 -10.14 30.33 -10.81
N HIS E 128 -11.12 31.16 -11.14
CA HIS E 128 -11.43 31.56 -12.52
C HIS E 128 -10.29 32.21 -13.29
N ASP E 129 -9.34 32.81 -12.58
CA ASP E 129 -8.11 33.35 -13.21
C ASP E 129 -7.03 32.30 -13.51
N GLY E 130 -7.29 31.04 -13.16
CA GLY E 130 -6.35 29.95 -13.39
C GLY E 130 -5.42 29.67 -12.22
N SER E 131 -5.73 30.25 -11.05
CA SER E 131 -4.95 29.99 -9.83
C SER E 131 -5.34 28.64 -9.26
N VAL E 132 -4.35 27.87 -8.83
CA VAL E 132 -4.59 26.62 -8.14
C VAL E 132 -4.02 26.73 -6.74
N MET E 133 -4.81 26.34 -5.75
CA MET E 133 -4.35 26.20 -4.36
CA MET E 133 -4.40 26.21 -4.34
C MET E 133 -4.50 24.73 -3.95
N PHE E 134 -3.40 24.14 -3.49
CA PHE E 134 -3.37 22.75 -3.06
C PHE E 134 -2.63 22.72 -1.73
N SER E 135 -3.27 22.16 -0.70
CA SER E 135 -2.79 22.27 0.66
C SER E 135 -2.63 20.93 1.38
N PRO E 136 -1.68 20.09 0.91
CA PRO E 136 -1.54 18.75 1.50
C PRO E 136 -1.01 18.76 2.91
N ALA E 137 -1.71 18.06 3.80
CA ALA E 137 -1.20 17.79 5.13
C ALA E 137 -0.30 16.54 5.06
N GLN E 138 0.82 16.59 5.76
CA GLN E 138 1.84 15.56 5.65
C GLN E 138 2.42 15.19 7.00
N ARG E 139 2.82 13.94 7.15
CA ARG E 139 3.74 13.56 8.23
C ARG E 139 5.06 13.17 7.60
N LEU E 140 6.13 13.78 8.08
CA LEU E 140 7.46 13.65 7.49
C LEU E 140 8.45 13.18 8.54
N SER E 141 9.22 12.14 8.22
CA SER E 141 10.45 11.79 8.96
C SER E 141 11.64 12.35 8.19
N PHE E 142 12.51 13.07 8.88
CA PHE E 142 13.69 13.66 8.23
C PHE E 142 14.93 13.64 9.14
N MET E 143 16.08 13.85 8.51
CA MET E 143 17.38 13.81 9.18
C MET E 143 17.58 15.00 10.12
N CYS E 144 17.70 14.71 11.41
CA CYS E 144 17.86 15.74 12.43
C CYS E 144 18.49 15.11 13.68
N ASP E 145 19.66 15.61 14.06
CA ASP E 145 20.29 15.27 15.34
C ASP E 145 19.62 16.11 16.44
N PRO E 146 18.85 15.47 17.32
CA PRO E 146 18.14 16.18 18.37
C PRO E 146 18.95 16.40 19.66
N THR E 147 20.26 16.16 19.64
CA THR E 147 21.09 16.34 20.84
C THR E 147 21.03 17.79 21.30
N GLY E 148 20.66 17.98 22.56
CA GLY E 148 20.43 19.31 23.14
C GLY E 148 18.97 19.75 23.20
N VAL E 149 18.05 18.92 22.73
CA VAL E 149 16.62 19.24 22.74
C VAL E 149 16.08 19.41 24.16
N ASP E 150 16.71 18.74 25.11
CA ASP E 150 16.33 18.79 26.54
C ASP E 150 17.07 19.87 27.32
N SER E 151 17.40 20.99 26.68
CA SER E 151 18.07 22.14 27.28
C SER E 151 17.30 23.42 26.99
N GLU E 152 17.74 24.54 27.56
CA GLU E 152 17.09 25.85 27.36
C GLU E 152 17.21 26.36 25.94
N GLU E 153 18.39 26.18 25.37
CA GLU E 153 18.74 26.69 24.04
C GLU E 153 18.08 25.83 22.98
N GLY E 154 17.84 24.56 23.32
CA GLY E 154 17.19 23.62 22.44
C GLY E 154 18.10 23.20 21.30
N VAL E 155 17.49 22.82 20.19
CA VAL E 155 18.20 22.31 19.04
C VAL E 155 17.62 22.92 17.76
N THR E 156 18.43 23.01 16.72
CA THR E 156 17.98 23.47 15.42
C THR E 156 18.08 22.35 14.40
N CYS E 157 17.04 22.25 13.58
CA CYS E 157 17.01 21.34 12.44
C CYS E 157 16.41 21.99 11.21
N ALA E 158 16.84 21.48 10.06
CA ALA E 158 16.52 22.04 8.78
C ALA E 158 16.15 20.96 7.79
N VAL E 159 15.23 21.30 6.89
CA VAL E 159 14.89 20.43 5.77
C VAL E 159 14.54 21.30 4.56
N LYS E 160 15.15 20.98 3.43
CA LYS E 160 14.95 21.69 2.19
C LYS E 160 13.80 21.07 1.42
N PHE E 161 12.90 21.91 0.92
CA PHE E 161 11.84 21.47 0.04
C PHE E 161 12.12 21.99 -1.36
N GLU E 162 12.08 21.10 -2.35
CA GLU E 162 12.47 21.43 -3.72
C GLU E 162 11.77 20.55 -4.72
N SER E 163 11.70 20.98 -5.97
CA SER E 163 11.33 20.10 -7.05
C SER E 163 12.47 19.13 -7.25
N TRP E 164 12.15 17.85 -7.31
CA TRP E 164 13.16 16.81 -7.49
C TRP E 164 13.75 16.83 -8.90
N VAL E 165 12.95 17.16 -9.90
CA VAL E 165 13.37 16.99 -11.30
C VAL E 165 13.52 18.27 -12.12
N TYR E 166 12.95 19.38 -11.68
CA TYR E 166 12.98 20.62 -12.44
C TYR E 166 14.07 21.53 -11.89
N SER E 167 14.84 22.15 -12.79
CA SER E 167 15.82 23.18 -12.43
C SER E 167 15.12 24.52 -12.19
N GLY E 168 15.92 25.53 -11.84
CA GLY E 168 15.45 26.90 -11.64
C GLY E 168 15.04 27.60 -12.93
N PHE E 169 15.48 27.06 -14.08
CA PHE E 169 15.00 27.54 -15.38
C PHE E 169 13.55 27.15 -15.67
N GLU E 170 13.05 26.09 -15.05
CA GLU E 170 11.69 25.60 -15.27
C GLU E 170 10.75 25.96 -14.11
N ILE E 171 11.21 25.75 -12.87
CA ILE E 171 10.41 26.02 -11.68
C ILE E 171 11.15 26.98 -10.74
N ASP E 172 10.44 28.01 -10.31
CA ASP E 172 10.89 28.87 -9.23
C ASP E 172 9.95 28.67 -8.04
N LEU E 173 10.52 28.68 -6.84
CA LEU E 173 9.75 28.57 -5.61
C LEU E 173 9.88 29.90 -4.89
N LYS E 174 8.80 30.36 -4.32
CA LYS E 174 8.74 31.55 -3.52
C LYS E 174 7.95 31.37 -2.25
N THR E 175 8.08 32.31 -1.33
CA THR E 175 7.23 32.37 -0.15
C THR E 175 6.61 33.76 -0.08
N ASP E 176 5.47 33.86 0.59
CA ASP E 176 4.83 35.16 0.89
C ASP E 176 5.41 35.78 2.17
N THR E 177 5.96 34.94 3.03
CA THR E 177 6.59 35.37 4.27
C THR E 177 7.66 34.36 4.62
N ASP E 178 8.69 34.80 5.33
CA ASP E 178 9.74 33.88 5.79
CA ASP E 178 9.77 33.94 5.85
C ASP E 178 9.41 33.27 7.17
N GLN E 179 8.23 33.57 7.70
CA GLN E 179 7.78 33.02 8.99
C GLN E 179 6.80 31.89 8.79
N VAL E 180 7.15 30.72 9.33
CA VAL E 180 6.30 29.55 9.33
C VAL E 180 5.11 29.85 10.22
N ASP E 181 3.92 29.50 9.77
CA ASP E 181 2.71 29.75 10.54
C ASP E 181 2.55 28.70 11.65
N LEU E 182 2.44 29.17 12.89
CA LEU E 182 2.33 28.30 14.08
C LEU E 182 0.96 28.38 14.74
N SER E 183 -0.03 28.88 14.03
CA SER E 183 -1.35 29.12 14.61
C SER E 183 -2.16 27.84 14.86
N SER E 184 -1.84 26.77 14.12
CA SER E 184 -2.38 25.41 14.40
C SER E 184 -1.39 24.50 15.13
N TYR E 185 -0.31 25.06 15.68
CA TYR E 185 0.66 24.25 16.41
C TYR E 185 0.02 23.71 17.67
N TYR E 186 0.17 22.41 17.91
CA TYR E 186 -0.47 21.74 19.04
C TYR E 186 0.05 22.34 20.37
N ALA E 187 -0.88 22.92 21.13
CA ALA E 187 -0.58 23.57 22.40
C ALA E 187 0.07 22.65 23.45
N SER E 188 -0.26 21.36 23.41
CA SER E 188 0.31 20.38 24.36
C SER E 188 1.34 19.44 23.72
N SER E 189 1.99 19.87 22.65
CA SER E 189 3.12 19.12 22.10
C SER E 189 4.17 18.83 23.16
N LYS E 190 4.93 17.76 22.98
CA LYS E 190 6.12 17.53 23.82
C LYS E 190 7.18 18.59 23.57
N TYR E 191 7.12 19.24 22.40
CA TYR E 191 8.15 20.17 21.97
C TYR E 191 7.57 21.56 21.75
N GLU E 192 8.30 22.55 22.26
CA GLU E 192 7.97 23.96 22.16
C GLU E 192 8.80 24.55 21.01
N ILE E 193 8.17 25.34 20.16
CA ILE E 193 8.87 25.99 19.06
C ILE E 193 9.41 27.34 19.50
N LEU E 194 10.72 27.51 19.35
CA LEU E 194 11.40 28.76 19.64
C LEU E 194 11.48 29.66 18.44
N SER E 195 11.62 29.06 17.27
CA SER E 195 11.72 29.80 16.03
C SER E 195 11.42 28.86 14.86
N ALA E 196 10.80 29.37 13.82
CA ALA E 196 10.46 28.55 12.64
C ALA E 196 10.39 29.40 11.39
N THR E 197 11.31 29.18 10.46
CA THR E 197 11.43 30.00 9.25
C THR E 197 11.41 29.17 7.97
N GLN E 198 11.00 29.84 6.89
CA GLN E 198 10.91 29.23 5.56
C GLN E 198 11.57 30.20 4.57
N THR E 199 12.74 29.84 4.06
CA THR E 199 13.57 30.78 3.33
C THR E 199 13.94 30.22 1.97
N ARG E 200 13.63 30.97 0.92
CA ARG E 200 14.05 30.64 -0.43
C ARG E 200 15.58 30.68 -0.55
N GLN E 201 16.15 29.69 -1.22
CA GLN E 201 17.59 29.60 -1.45
C GLN E 201 17.86 29.16 -2.87
N VAL E 202 18.96 29.66 -3.42
CA VAL E 202 19.43 29.24 -4.73
C VAL E 202 20.55 28.25 -4.51
N GLN E 203 20.56 27.21 -5.32
CA GLN E 203 21.40 26.03 -5.13
C GLN E 203 21.92 25.63 -6.51
N HIS E 204 22.92 24.76 -6.59
CA HIS E 204 23.43 24.26 -7.90
C HIS E 204 23.65 22.74 -7.86
N TYR E 205 23.18 22.04 -8.90
CA TYR E 205 23.34 20.58 -8.99
C TYR E 205 24.84 20.18 -9.06
N LYS E 206 25.13 18.95 -8.66
CA LYS E 206 26.52 18.41 -8.70
C LYS E 206 27.04 18.23 -10.14
N GLY E 207 26.52 17.23 -10.89
CA GLY E 207 26.91 16.96 -12.29
C GLY E 207 26.51 18.01 -13.31
N THR E 208 25.26 18.47 -13.24
CA THR E 208 24.83 19.61 -14.08
C THR E 208 25.56 20.95 -13.84
N GLY E 209 25.52 21.59 -12.66
CA GLY E 209 25.95 22.95 -12.50
C GLY E 209 24.91 24.03 -12.78
N GLU E 210 23.78 23.68 -13.39
CA GLU E 210 22.64 24.63 -13.53
C GLU E 210 21.88 24.81 -12.19
N PRO E 211 21.27 26.00 -11.97
CA PRO E 211 20.69 26.31 -10.67
C PRO E 211 19.36 25.60 -10.38
N TYR E 212 19.03 25.45 -9.10
CA TYR E 212 17.69 25.02 -8.66
C TYR E 212 17.31 25.67 -7.33
N ILE E 213 16.02 25.82 -7.11
CA ILE E 213 15.49 26.55 -5.96
C ILE E 213 14.99 25.57 -4.92
N ASP E 214 15.21 25.90 -3.64
CA ASP E 214 14.58 25.22 -2.52
C ASP E 214 14.02 26.24 -1.54
N VAL E 215 13.10 25.78 -0.70
CA VAL E 215 12.64 26.55 0.45
C VAL E 215 13.10 25.77 1.67
N ASN E 216 13.97 26.41 2.46
CA ASN E 216 14.59 25.80 3.61
C ASN E 216 13.74 26.06 4.85
N LEU E 217 13.20 24.97 5.39
CA LEU E 217 12.41 25.02 6.61
C LEU E 217 13.40 24.78 7.75
N VAL E 218 13.57 25.79 8.60
CA VAL E 218 14.48 25.75 9.74
C VAL E 218 13.65 25.91 11.00
N VAL E 219 13.68 24.92 11.88
CA VAL E 219 12.88 24.91 13.10
C VAL E 219 13.80 24.74 14.29
N LYS E 220 13.65 25.64 15.26
CA LYS E 220 14.41 25.61 16.51
C LYS E 220 13.43 25.29 17.61
N PHE E 221 13.72 24.22 18.38
CA PHE E 221 12.76 23.71 19.35
C PHE E 221 13.45 23.06 20.54
N ARG E 222 12.66 22.79 21.57
CA ARG E 222 13.15 22.12 22.78
C ARG E 222 12.01 21.42 23.49
N GLU E 223 12.33 20.51 24.42
CA GLU E 223 11.32 19.89 25.27
C GLU E 223 10.59 20.92 26.12
N ARG E 224 9.28 20.77 26.25
CA ARG E 224 8.43 21.75 26.93
C ARG E 224 8.80 21.81 28.43
N ARG E 225 8.68 22.99 29.01
CA ARG E 225 9.01 23.22 30.41
C ARG E 225 7.76 23.65 31.22
#